data_6HN9
#
_entry.id   6HN9
#
_cell.length_a   1.000
_cell.length_b   1.000
_cell.length_c   1.000
_cell.angle_alpha   90.00
_cell.angle_beta   90.00
_cell.angle_gamma   90.00
#
_symmetry.space_group_name_H-M   'P 1'
#
_entity_poly.entity_id   1
_entity_poly.type   'polypeptide(L)'
_entity_poly.pdbx_seq_one_letter_code
;GFWSSVWDGAKNVGTAIIKNAKVCVYAVCVSHK
;
_entity_poly.pdbx_strand_id   A
#
# COMPACT_ATOMS: atom_id res chain seq x y z
N GLY A 1 -2.80 -15.14 15.35
CA GLY A 1 -3.52 -14.11 16.08
C GLY A 1 -4.07 -13.03 15.16
N PHE A 2 -5.40 -12.93 15.09
CA PHE A 2 -6.04 -11.94 14.25
C PHE A 2 -5.57 -10.53 14.61
N TRP A 3 -5.67 -10.19 15.89
CA TRP A 3 -5.26 -8.88 16.37
C TRP A 3 -3.81 -8.58 15.98
N SER A 4 -3.05 -9.64 15.72
CA SER A 4 -1.65 -9.50 15.34
C SER A 4 -1.50 -9.43 13.81
N SER A 5 -2.33 -10.19 13.11
CA SER A 5 -2.29 -10.22 11.66
C SER A 5 -3.02 -9.02 11.07
N VAL A 6 -3.77 -8.31 11.92
CA VAL A 6 -4.52 -7.14 11.49
C VAL A 6 -3.61 -5.93 11.33
N TRP A 7 -2.66 -5.78 12.25
CA TRP A 7 -1.74 -4.67 12.22
C TRP A 7 -0.56 -4.96 11.30
N ASP A 8 -0.09 -6.20 11.32
CA ASP A 8 1.03 -6.61 10.48
C ASP A 8 0.59 -6.78 9.04
N GLY A 9 -0.56 -7.41 8.84
CA GLY A 9 -1.08 -7.62 7.50
C GLY A 9 -1.44 -6.32 6.81
N ALA A 10 -2.21 -5.48 7.49
CA ALA A 10 -2.62 -4.20 6.93
C ALA A 10 -1.42 -3.30 6.67
N LYS A 11 -0.52 -3.23 7.64
CA LYS A 11 0.67 -2.40 7.53
C LYS A 11 1.41 -2.70 6.22
N ASN A 12 1.54 -3.99 5.90
CA ASN A 12 2.22 -4.41 4.69
C ASN A 12 1.31 -4.28 3.47
N VAL A 13 0.02 -4.50 3.69
CA VAL A 13 -0.96 -4.41 2.62
C VAL A 13 -1.04 -2.99 2.06
N GLY A 14 -1.18 -2.02 2.97
CA GLY A 14 -1.27 -0.64 2.55
C GLY A 14 0.03 -0.12 1.96
N THR A 15 1.10 -0.22 2.74
CA THR A 15 2.41 0.24 2.29
C THR A 15 2.75 -0.30 0.90
N ALA A 16 2.24 -1.49 0.61
CA ALA A 16 2.49 -2.13 -0.69
C ALA A 16 1.73 -1.41 -1.79
N ILE A 17 0.45 -1.12 -1.55
CA ILE A 17 -0.38 -0.43 -2.53
C ILE A 17 0.31 0.82 -3.04
N ILE A 18 0.92 1.57 -2.13
CA ILE A 18 1.61 2.80 -2.50
C ILE A 18 2.96 2.50 -3.14
N LYS A 19 3.59 1.43 -2.69
CA LYS A 19 4.89 1.02 -3.21
C LYS A 19 4.84 0.87 -4.73
N ASN A 20 3.71 0.42 -5.24
CA ASN A 20 3.52 0.23 -6.68
C ASN A 20 2.70 1.36 -7.27
N ALA A 21 1.72 1.85 -6.50
CA ALA A 21 0.87 2.92 -6.96
C ALA A 21 1.30 4.27 -6.36
N LYS A 22 2.61 4.44 -6.22
CA LYS A 22 3.16 5.67 -5.66
C LYS A 22 2.81 6.86 -6.54
N VAL A 23 1.66 7.47 -6.27
CA VAL A 23 1.21 8.64 -7.03
C VAL A 23 1.91 9.90 -6.56
N CYS A 24 1.83 10.96 -7.37
CA CYS A 24 2.45 12.23 -7.04
C CYS A 24 2.29 12.55 -5.55
N VAL A 25 1.11 12.26 -5.02
CA VAL A 25 0.82 12.51 -3.61
C VAL A 25 0.36 11.23 -2.91
N TYR A 26 0.09 11.35 -1.62
CA TYR A 26 -0.35 10.20 -0.83
C TYR A 26 -1.34 9.36 -1.60
N ALA A 27 -2.53 9.92 -1.83
CA ALA A 27 -3.57 9.21 -2.56
C ALA A 27 -3.34 9.28 -4.07
N VAL A 28 -3.91 10.30 -4.71
CA VAL A 28 -3.76 10.49 -6.14
C VAL A 28 -3.85 11.96 -6.52
N CYS A 29 -2.79 12.71 -6.24
CA CYS A 29 -2.76 14.14 -6.55
C CYS A 29 -3.93 14.87 -5.89
N VAL A 30 -4.48 14.26 -4.85
CA VAL A 30 -5.61 14.85 -4.13
C VAL A 30 -5.60 14.42 -2.66
N SER A 31 -6.70 14.70 -1.97
CA SER A 31 -6.82 14.35 -0.56
C SER A 31 -8.19 13.75 -0.27
N HIS A 32 -8.20 12.64 0.47
CA HIS A 32 -9.44 11.97 0.82
C HIS A 32 -10.12 12.67 2.00
N LYS A 33 -9.32 13.25 2.88
CA LYS A 33 -9.84 13.95 4.04
C LYS A 33 -10.80 15.07 3.63
N GLY A 1 -3.09 -15.37 14.91
CA GLY A 1 -3.64 -14.25 15.66
C GLY A 1 -4.15 -13.16 14.76
N PHE A 2 -5.46 -12.91 14.79
CA PHE A 2 -6.07 -11.88 13.97
C PHE A 2 -5.63 -10.49 14.42
N TRP A 3 -5.77 -10.21 15.70
CA TRP A 3 -5.38 -8.92 16.26
C TRP A 3 -3.93 -8.60 15.92
N SER A 4 -3.14 -9.64 15.65
CA SER A 4 -1.74 -9.46 15.31
C SER A 4 -1.55 -9.38 13.79
N SER A 5 -2.38 -10.13 13.07
CA SER A 5 -2.30 -10.14 11.60
C SER A 5 -3.00 -8.92 11.02
N VAL A 6 -3.74 -8.21 11.85
CA VAL A 6 -4.47 -7.02 11.41
C VAL A 6 -3.53 -5.83 11.31
N TRP A 7 -2.61 -5.72 12.27
CA TRP A 7 -1.66 -4.61 12.29
C TRP A 7 -0.47 -4.90 11.38
N ASP A 8 -0.02 -6.15 11.38
CA ASP A 8 1.11 -6.56 10.56
C ASP A 8 0.68 -6.75 9.10
N GLY A 9 -0.46 -7.39 8.91
CA GLY A 9 -0.96 -7.63 7.56
C GLY A 9 -1.34 -6.35 6.86
N ALA A 10 -2.13 -5.51 7.52
CA ALA A 10 -2.57 -4.25 6.95
C ALA A 10 -1.38 -3.33 6.69
N LYS A 11 -0.50 -3.21 7.67
CA LYS A 11 0.68 -2.36 7.54
C LYS A 11 1.44 -2.68 6.26
N ASN A 12 1.60 -3.96 5.98
CA ASN A 12 2.32 -4.40 4.78
C ASN A 12 1.41 -4.31 3.55
N VAL A 13 0.12 -4.51 3.76
CA VAL A 13 -0.85 -4.46 2.66
C VAL A 13 -0.96 -3.04 2.11
N GLY A 14 -1.27 -2.09 2.98
CA GLY A 14 -1.41 -0.71 2.55
C GLY A 14 -0.12 -0.16 1.97
N THR A 15 0.97 -0.29 2.72
CA THR A 15 2.27 0.20 2.26
C THR A 15 2.63 -0.38 0.90
N ALA A 16 2.24 -1.62 0.66
CA ALA A 16 2.53 -2.30 -0.60
C ALA A 16 1.86 -1.56 -1.77
N ILE A 17 0.59 -1.20 -1.59
CA ILE A 17 -0.15 -0.50 -2.62
C ILE A 17 0.47 0.87 -2.91
N ILE A 18 1.10 1.44 -1.90
CA ILE A 18 1.74 2.75 -2.04
C ILE A 18 3.01 2.66 -2.89
N LYS A 19 3.69 1.52 -2.79
CA LYS A 19 4.91 1.30 -3.55
C LYS A 19 4.60 0.97 -5.01
N ASN A 20 3.43 0.39 -5.25
CA ASN A 20 3.02 0.03 -6.60
C ASN A 20 2.25 1.18 -7.25
N ALA A 21 1.53 1.94 -6.44
CA ALA A 21 0.76 3.07 -6.94
C ALA A 21 1.67 4.24 -7.31
N LYS A 22 2.79 4.36 -6.60
CA LYS A 22 3.75 5.43 -6.86
C LYS A 22 4.57 5.14 -8.11
N VAL A 23 3.88 4.93 -9.23
CA VAL A 23 4.54 4.65 -10.49
C VAL A 23 5.36 5.84 -10.96
N CYS A 24 5.96 5.72 -12.14
CA CYS A 24 6.78 6.79 -12.70
C CYS A 24 5.91 7.85 -13.35
N VAL A 25 5.09 7.43 -14.31
CA VAL A 25 4.19 8.35 -15.01
C VAL A 25 2.76 8.24 -14.48
N TYR A 26 1.84 8.90 -15.18
CA TYR A 26 0.44 8.89 -14.77
C TYR A 26 -0.08 7.46 -14.64
N ALA A 27 0.08 6.69 -15.71
CA ALA A 27 -0.36 5.30 -15.72
C ALA A 27 0.55 4.42 -14.87
N VAL A 28 1.53 3.78 -15.51
CA VAL A 28 2.46 2.92 -14.81
C VAL A 28 3.79 2.83 -15.56
N CYS A 29 4.66 3.81 -15.33
CA CYS A 29 5.96 3.84 -15.98
C CYS A 29 5.82 3.71 -17.50
N VAL A 30 4.65 4.08 -18.01
CA VAL A 30 4.38 4.01 -19.44
C VAL A 30 3.38 5.08 -19.87
N SER A 31 2.92 4.98 -21.12
CA SER A 31 1.96 5.94 -21.65
C SER A 31 0.96 5.26 -22.58
N HIS A 32 -0.18 4.88 -22.03
CA HIS A 32 -1.22 4.20 -22.81
C HIS A 32 -1.77 5.13 -23.88
N LYS A 33 -1.78 6.44 -23.59
CA LYS A 33 -2.28 7.42 -24.53
C LYS A 33 -1.40 7.47 -25.78
N GLY A 1 -2.36 -15.04 15.23
CA GLY A 1 -3.49 -14.33 15.81
C GLY A 1 -4.05 -13.27 14.88
N PHE A 2 -5.35 -13.02 14.97
CA PHE A 2 -5.99 -12.03 14.13
C PHE A 2 -5.58 -10.61 14.54
N TRP A 3 -5.73 -10.31 15.82
CA TRP A 3 -5.37 -9.00 16.34
C TRP A 3 -3.94 -8.63 15.98
N SER A 4 -3.13 -9.66 15.73
CA SER A 4 -1.73 -9.45 15.38
C SER A 4 -1.56 -9.39 13.86
N SER A 5 -2.36 -10.18 13.14
CA SER A 5 -2.29 -10.22 11.69
C SER A 5 -3.03 -9.03 11.08
N VAL A 6 -3.81 -8.34 11.91
CA VAL A 6 -4.56 -7.18 11.45
C VAL A 6 -3.67 -5.95 11.32
N TRP A 7 -2.75 -5.79 12.26
CA TRP A 7 -1.82 -4.66 12.24
C TRP A 7 -0.63 -4.94 11.33
N ASP A 8 -0.14 -6.17 11.37
CA ASP A 8 1.00 -6.57 10.54
C ASP A 8 0.57 -6.72 9.09
N GLY A 9 -0.56 -7.38 8.86
CA GLY A 9 -1.05 -7.59 7.51
C GLY A 9 -1.40 -6.28 6.82
N ALA A 10 -2.18 -5.45 7.50
CA ALA A 10 -2.60 -4.17 6.94
C ALA A 10 -1.38 -3.26 6.69
N LYS A 11 -0.49 -3.19 7.68
CA LYS A 11 0.70 -2.37 7.57
C LYS A 11 1.45 -2.66 6.28
N ASN A 12 1.59 -3.94 5.95
CA ASN A 12 2.28 -4.35 4.74
C ASN A 12 1.36 -4.23 3.52
N VAL A 13 0.07 -4.46 3.73
CA VAL A 13 -0.90 -4.36 2.65
C VAL A 13 -0.98 -2.95 2.09
N GLY A 14 -1.07 -1.98 3.00
CA GLY A 14 -1.16 -0.59 2.59
C GLY A 14 0.14 -0.08 1.98
N THR A 15 1.23 -0.18 2.75
CA THR A 15 2.53 0.27 2.28
C THR A 15 2.85 -0.30 0.90
N ALA A 16 2.37 -1.51 0.64
CA ALA A 16 2.61 -2.16 -0.64
C ALA A 16 1.85 -1.46 -1.76
N ILE A 17 0.58 -1.17 -1.51
CA ILE A 17 -0.26 -0.50 -2.51
C ILE A 17 0.38 0.80 -2.97
N ILE A 18 1.02 1.52 -2.04
CA ILE A 18 1.67 2.78 -2.36
C ILE A 18 2.96 2.54 -3.15
N LYS A 19 3.63 1.44 -2.84
CA LYS A 19 4.88 1.09 -3.52
C LYS A 19 4.64 0.87 -5.01
N ASN A 20 3.46 0.37 -5.35
CA ASN A 20 3.12 0.11 -6.75
C ASN A 20 2.31 1.26 -7.33
N ALA A 21 1.54 1.94 -6.48
CA ALA A 21 0.72 3.07 -6.90
C ALA A 21 1.60 4.27 -7.27
N LYS A 22 2.77 4.35 -6.65
CA LYS A 22 3.69 5.45 -6.91
C LYS A 22 4.40 5.26 -8.24
N VAL A 23 3.63 5.13 -9.31
CA VAL A 23 4.19 4.94 -10.65
C VAL A 23 4.94 6.18 -11.11
N CYS A 24 5.45 6.13 -12.34
CA CYS A 24 6.19 7.25 -12.90
C CYS A 24 5.25 8.32 -13.44
N VAL A 25 4.40 7.93 -14.39
CA VAL A 25 3.44 8.85 -14.99
C VAL A 25 2.07 8.73 -14.32
N TYR A 26 1.14 9.56 -14.75
CA TYR A 26 -0.22 9.55 -14.20
C TYR A 26 -0.80 8.14 -14.21
N ALA A 27 -0.63 7.44 -15.32
CA ALA A 27 -1.13 6.08 -15.46
C ALA A 27 -0.25 5.09 -14.70
N VAL A 28 0.66 4.45 -15.42
CA VAL A 28 1.57 3.47 -14.82
C VAL A 28 2.88 3.41 -15.58
N CYS A 29 3.74 4.40 -15.37
CA CYS A 29 5.03 4.45 -16.04
C CYS A 29 4.86 4.48 -17.55
N VAL A 30 3.66 4.84 -18.00
CA VAL A 30 3.36 4.91 -19.43
C VAL A 30 2.29 5.94 -19.72
N SER A 31 1.99 6.14 -21.00
CA SER A 31 0.98 7.10 -21.41
C SER A 31 -0.02 6.47 -22.38
N HIS A 32 -1.20 6.15 -21.88
CA HIS A 32 -2.24 5.54 -22.71
C HIS A 32 -2.74 6.52 -23.77
N LYS A 33 -2.27 6.33 -25.00
CA LYS A 33 -2.67 7.20 -26.11
C LYS A 33 -3.39 6.40 -27.19
N GLY A 1 -2.11 -14.89 15.64
CA GLY A 1 -3.22 -14.15 16.25
C GLY A 1 -3.82 -13.14 15.30
N PHE A 2 -5.12 -12.92 15.42
CA PHE A 2 -5.83 -11.96 14.56
C PHE A 2 -5.38 -10.54 14.86
N TRP A 3 -5.44 -10.17 16.14
CA TRP A 3 -5.04 -8.83 16.56
C TRP A 3 -3.64 -8.49 16.07
N SER A 4 -2.85 -9.53 15.80
CA SER A 4 -1.48 -9.33 15.32
C SER A 4 -1.43 -9.36 13.80
N SER A 5 -2.28 -10.20 13.21
CA SER A 5 -2.33 -10.32 11.75
C SER A 5 -3.10 -9.16 11.13
N VAL A 6 -3.81 -8.41 11.98
CA VAL A 6 -4.59 -7.27 11.52
C VAL A 6 -3.69 -6.06 11.26
N TRP A 7 -2.70 -5.87 12.10
CA TRP A 7 -1.77 -4.75 11.96
C TRP A 7 -0.66 -5.09 10.97
N ASP A 8 -0.17 -6.32 11.04
CA ASP A 8 0.89 -6.77 10.14
C ASP A 8 0.38 -6.91 8.71
N GLY A 9 -0.81 -7.49 8.57
CA GLY A 9 -1.39 -7.68 7.25
C GLY A 9 -1.84 -6.38 6.63
N ALA A 10 -2.28 -5.44 7.46
CA ALA A 10 -2.74 -4.15 6.98
C ALA A 10 -1.55 -3.23 6.67
N LYS A 11 -0.68 -3.05 7.65
CA LYS A 11 0.49 -2.20 7.49
C LYS A 11 1.27 -2.59 6.23
N ASN A 12 1.31 -3.87 5.94
CA ASN A 12 2.02 -4.38 4.77
C ASN A 12 1.17 -4.24 3.51
N VAL A 13 -0.15 -4.39 3.69
CA VAL A 13 -1.08 -4.29 2.57
C VAL A 13 -1.14 -2.85 2.04
N GLY A 14 -1.17 -1.89 2.96
CA GLY A 14 -1.24 -0.50 2.57
C GLY A 14 0.07 0.00 1.98
N THR A 15 1.17 -0.25 2.69
CA THR A 15 2.49 0.18 2.24
C THR A 15 2.81 -0.38 0.86
N ALA A 16 2.33 -1.60 0.60
CA ALA A 16 2.56 -2.24 -0.69
C ALA A 16 1.84 -1.50 -1.81
N ILE A 17 0.54 -1.31 -1.65
CA ILE A 17 -0.27 -0.61 -2.64
C ILE A 17 0.38 0.71 -3.05
N ILE A 18 0.98 1.39 -2.08
CA ILE A 18 1.63 2.66 -2.33
C ILE A 18 3.00 2.46 -2.97
N LYS A 19 3.68 1.39 -2.58
CA LYS A 19 5.00 1.07 -3.12
C LYS A 19 4.96 0.99 -4.64
N ASN A 20 3.83 0.53 -5.16
CA ASN A 20 3.66 0.39 -6.61
C ASN A 20 3.03 1.65 -7.21
N ALA A 21 2.17 2.29 -6.44
CA ALA A 21 1.50 3.51 -6.88
C ALA A 21 2.27 4.75 -6.44
N LYS A 22 3.54 4.57 -6.13
CA LYS A 22 4.38 5.68 -5.69
C LYS A 22 4.76 6.57 -6.86
N VAL A 23 3.79 7.32 -7.38
CA VAL A 23 4.03 8.22 -8.50
C VAL A 23 5.21 9.14 -8.22
N CYS A 24 6.13 9.23 -9.19
CA CYS A 24 7.30 10.08 -9.05
C CYS A 24 6.96 11.53 -9.39
N VAL A 25 6.20 11.72 -10.46
CA VAL A 25 5.81 13.06 -10.88
C VAL A 25 4.34 13.32 -10.58
N TYR A 26 3.81 14.42 -11.11
CA TYR A 26 2.42 14.78 -10.90
C TYR A 26 1.50 13.61 -11.21
N ALA A 27 1.67 13.04 -12.40
CA ALA A 27 0.85 11.91 -12.82
C ALA A 27 1.34 10.61 -12.20
N VAL A 28 2.18 9.89 -12.94
CA VAL A 28 2.73 8.62 -12.45
C VAL A 28 4.09 8.33 -13.10
N CYS A 29 5.15 8.85 -12.48
CA CYS A 29 6.50 8.65 -12.99
C CYS A 29 6.60 9.08 -14.46
N VAL A 30 5.69 9.95 -14.87
CA VAL A 30 5.68 10.45 -16.24
C VAL A 30 5.11 11.86 -16.32
N SER A 31 4.88 12.33 -17.54
CA SER A 31 4.35 13.68 -17.75
C SER A 31 3.25 13.66 -18.81
N HIS A 32 1.99 13.65 -18.35
CA HIS A 32 0.85 13.63 -19.25
C HIS A 32 0.78 14.94 -20.05
N LYS A 33 1.20 16.03 -19.42
CA LYS A 33 1.18 17.34 -20.07
C LYS A 33 2.10 17.36 -21.29
N GLY A 1 -2.57 -14.98 14.99
CA GLY A 1 -3.69 -14.27 15.59
C GLY A 1 -4.20 -13.14 14.71
N PHE A 2 -5.50 -12.88 14.79
CA PHE A 2 -6.11 -11.82 14.00
C PHE A 2 -5.62 -10.45 14.45
N TRP A 3 -5.73 -10.18 15.74
CA TRP A 3 -5.30 -8.90 16.31
C TRP A 3 -3.86 -8.61 15.93
N SER A 4 -3.09 -9.65 15.63
CA SER A 4 -1.70 -9.51 15.26
C SER A 4 -1.53 -9.42 13.74
N SER A 5 -2.40 -10.13 13.01
CA SER A 5 -2.36 -10.13 11.56
C SER A 5 -3.04 -8.88 11.00
N VAL A 6 -3.76 -8.17 11.86
CA VAL A 6 -4.47 -6.97 11.46
C VAL A 6 -3.51 -5.78 11.35
N TRP A 7 -2.57 -5.70 12.29
CA TRP A 7 -1.60 -4.61 12.30
C TRP A 7 -0.43 -4.92 11.36
N ASP A 8 0.00 -6.17 11.34
CA ASP A 8 1.10 -6.60 10.49
C ASP A 8 0.63 -6.76 9.04
N GLY A 9 -0.52 -7.38 8.87
CA GLY A 9 -1.05 -7.59 7.53
C GLY A 9 -1.41 -6.29 6.83
N ALA A 10 -2.17 -5.44 7.53
CA ALA A 10 -2.58 -4.16 6.96
C ALA A 10 -1.37 -3.27 6.70
N LYS A 11 -0.45 -3.20 7.67
CA LYS A 11 0.74 -2.38 7.53
C LYS A 11 1.46 -2.70 6.23
N ASN A 12 1.57 -3.98 5.91
CA ASN A 12 2.25 -4.41 4.69
C ASN A 12 1.32 -4.28 3.48
N VAL A 13 0.03 -4.49 3.71
CA VAL A 13 -0.96 -4.40 2.65
C VAL A 13 -1.03 -2.98 2.09
N GLY A 14 -1.06 -1.99 2.99
CA GLY A 14 -1.14 -0.61 2.57
C GLY A 14 0.16 -0.13 1.94
N THR A 15 1.26 -0.27 2.66
CA THR A 15 2.56 0.16 2.17
C THR A 15 2.84 -0.44 0.79
N ALA A 16 2.35 -1.64 0.56
CA ALA A 16 2.55 -2.32 -0.72
C ALA A 16 1.82 -1.59 -1.84
N ILE A 17 0.50 -1.49 -1.73
CA ILE A 17 -0.31 -0.81 -2.74
C ILE A 17 0.23 0.59 -3.02
N ILE A 18 0.74 1.24 -1.98
CA ILE A 18 1.27 2.59 -2.11
C ILE A 18 2.62 2.57 -2.82
N LYS A 19 3.43 1.55 -2.52
CA LYS A 19 4.75 1.42 -3.13
C LYS A 19 4.63 1.15 -4.62
N ASN A 20 3.56 0.46 -5.02
CA ASN A 20 3.33 0.14 -6.42
C ASN A 20 2.69 1.31 -7.15
N ALA A 21 1.95 2.13 -6.40
CA ALA A 21 1.28 3.29 -6.98
C ALA A 21 0.71 4.19 -5.89
N LYS A 22 1.57 5.05 -5.33
CA LYS A 22 1.15 5.97 -4.28
C LYS A 22 -0.08 6.76 -4.70
N VAL A 23 -1.26 6.27 -4.33
CA VAL A 23 -2.51 6.92 -4.66
C VAL A 23 -2.62 8.28 -3.99
N CYS A 24 -3.75 8.95 -4.17
CA CYS A 24 -3.98 10.26 -3.58
C CYS A 24 -4.39 10.12 -2.11
N VAL A 25 -5.47 9.38 -1.87
CA VAL A 25 -5.97 9.17 -0.52
C VAL A 25 -5.56 7.80 0.01
N TYR A 26 -6.12 7.43 1.17
CA TYR A 26 -5.81 6.15 1.79
C TYR A 26 -6.08 5.00 0.82
N ALA A 27 -7.30 4.97 0.27
CA ALA A 27 -7.69 3.93 -0.67
C ALA A 27 -7.03 4.14 -2.03
N VAL A 28 -7.75 4.79 -2.93
CA VAL A 28 -7.24 5.07 -4.28
C VAL A 28 -7.91 6.29 -4.88
N CYS A 29 -7.39 7.48 -4.53
CA CYS A 29 -7.94 8.73 -5.04
C CYS A 29 -9.45 8.81 -4.79
N VAL A 30 -9.92 8.06 -3.79
CA VAL A 30 -11.33 8.05 -3.46
C VAL A 30 -11.53 7.78 -1.98
N SER A 31 -12.79 7.55 -1.59
CA SER A 31 -13.12 7.27 -0.19
C SER A 31 -14.12 6.12 -0.09
N HIS A 32 -13.64 4.97 0.34
CA HIS A 32 -14.48 3.79 0.49
C HIS A 32 -15.71 4.10 1.34
N LYS A 33 -15.56 5.02 2.28
CA LYS A 33 -16.66 5.42 3.15
C LYS A 33 -17.88 5.83 2.33
N GLY A 1 -2.67 -15.29 15.21
CA GLY A 1 -3.20 -14.16 15.95
C GLY A 1 -3.88 -13.15 15.06
N PHE A 2 -5.20 -13.00 15.21
CA PHE A 2 -5.97 -12.07 14.40
C PHE A 2 -5.54 -10.63 14.69
N TRP A 3 -5.61 -10.24 15.97
CA TRP A 3 -5.23 -8.89 16.36
C TRP A 3 -3.78 -8.59 15.98
N SER A 4 -3.02 -9.64 15.68
CA SER A 4 -1.63 -9.50 15.30
C SER A 4 -1.48 -9.43 13.79
N SER A 5 -2.33 -10.19 13.09
CA SER A 5 -2.29 -10.23 11.63
C SER A 5 -3.01 -9.02 11.03
N VAL A 6 -3.85 -8.38 11.85
CA VAL A 6 -4.61 -7.22 11.40
C VAL A 6 -3.70 -6.00 11.24
N TRP A 7 -2.79 -5.82 12.19
CA TRP A 7 -1.86 -4.70 12.16
C TRP A 7 -0.68 -5.00 11.24
N ASP A 8 -0.22 -6.24 11.26
CA ASP A 8 0.90 -6.66 10.43
C ASP A 8 0.49 -6.77 8.97
N GLY A 9 -0.65 -7.41 8.73
CA GLY A 9 -1.15 -7.57 7.38
C GLY A 9 -1.49 -6.25 6.72
N ALA A 10 -2.27 -5.42 7.42
CA ALA A 10 -2.66 -4.12 6.91
C ALA A 10 -1.45 -3.22 6.68
N LYS A 11 -0.56 -3.19 7.66
CA LYS A 11 0.65 -2.37 7.57
C LYS A 11 1.39 -2.64 6.27
N ASN A 12 1.50 -3.91 5.91
CA ASN A 12 2.19 -4.30 4.68
C ASN A 12 1.28 -4.13 3.46
N VAL A 13 -0.01 -4.36 3.68
CA VAL A 13 -0.99 -4.23 2.60
C VAL A 13 -1.07 -2.79 2.10
N GLY A 14 -1.04 -1.84 3.02
CA GLY A 14 -1.10 -0.43 2.66
C GLY A 14 0.19 0.07 2.04
N THR A 15 1.30 -0.13 2.77
CA THR A 15 2.60 0.31 2.29
C THR A 15 2.92 -0.28 0.92
N ALA A 16 2.44 -1.50 0.68
CA ALA A 16 2.67 -2.18 -0.58
C ALA A 16 1.95 -1.47 -1.73
N ILE A 17 0.64 -1.32 -1.59
CA ILE A 17 -0.16 -0.65 -2.61
C ILE A 17 0.43 0.70 -2.98
N ILE A 18 0.99 1.38 -1.99
CA ILE A 18 1.60 2.69 -2.22
C ILE A 18 2.90 2.56 -3.01
N LYS A 19 3.63 1.48 -2.77
CA LYS A 19 4.89 1.25 -3.46
C LYS A 19 4.65 0.91 -4.93
N ASN A 20 3.50 0.29 -5.21
CA ASN A 20 3.15 -0.08 -6.58
C ASN A 20 2.43 1.06 -7.28
N ALA A 21 1.68 1.85 -6.51
CA ALA A 21 0.94 2.97 -7.06
C ALA A 21 0.67 4.02 -6.00
N LYS A 22 1.72 4.75 -5.61
CA LYS A 22 1.59 5.79 -4.60
C LYS A 22 0.62 6.87 -5.04
N VAL A 23 -0.65 6.71 -4.68
CA VAL A 23 -1.68 7.67 -5.04
C VAL A 23 -1.34 9.07 -4.53
N CYS A 24 -2.23 10.02 -4.77
CA CYS A 24 -2.03 11.39 -4.32
C CYS A 24 -2.40 11.55 -2.85
N VAL A 25 -3.62 11.13 -2.51
CA VAL A 25 -4.10 11.23 -1.14
C VAL A 25 -4.03 9.88 -0.44
N TYR A 26 -4.43 9.86 0.83
CA TYR A 26 -4.42 8.63 1.62
C TYR A 26 -5.23 7.53 0.94
N ALA A 27 -6.43 7.91 0.49
CA ALA A 27 -7.32 6.95 -0.19
C ALA A 27 -6.76 6.54 -1.55
N VAL A 28 -7.21 7.22 -2.60
CA VAL A 28 -6.76 6.93 -3.94
C VAL A 28 -6.80 8.17 -4.83
N CYS A 29 -5.93 9.13 -4.55
CA CYS A 29 -5.88 10.37 -5.32
C CYS A 29 -7.17 11.16 -5.16
N VAL A 30 -7.97 10.80 -4.16
CA VAL A 30 -9.23 11.46 -3.89
C VAL A 30 -9.60 11.40 -2.42
N SER A 31 -10.70 12.05 -2.05
CA SER A 31 -11.16 12.07 -0.67
C SER A 31 -12.50 11.36 -0.54
N HIS A 32 -12.51 10.24 0.17
CA HIS A 32 -13.73 9.47 0.38
C HIS A 32 -14.65 10.16 1.38
N LYS A 33 -14.04 10.86 2.34
CA LYS A 33 -14.80 11.57 3.37
C LYS A 33 -15.66 12.67 2.74
N GLY A 1 -2.74 -15.17 15.83
CA GLY A 1 -3.36 -14.02 16.47
C GLY A 1 -3.95 -13.05 15.46
N PHE A 2 -5.27 -12.91 15.48
CA PHE A 2 -5.96 -12.01 14.57
C PHE A 2 -5.56 -10.56 14.84
N TRP A 3 -5.67 -10.14 16.09
CA TRP A 3 -5.33 -8.78 16.48
C TRP A 3 -3.89 -8.45 16.10
N SER A 4 -3.08 -9.49 15.87
CA SER A 4 -1.69 -9.31 15.51
C SER A 4 -1.52 -9.34 14.00
N SER A 5 -2.32 -10.16 13.33
CA SER A 5 -2.26 -10.27 11.88
C SER A 5 -3.04 -9.15 11.21
N VAL A 6 -3.91 -8.51 11.97
CA VAL A 6 -4.71 -7.41 11.45
C VAL A 6 -3.87 -6.15 11.24
N TRP A 7 -2.99 -5.88 12.20
CA TRP A 7 -2.12 -4.71 12.11
C TRP A 7 -0.90 -4.99 11.24
N ASP A 8 -0.38 -6.22 11.35
CA ASP A 8 0.79 -6.62 10.57
C ASP A 8 0.41 -6.86 9.12
N GLY A 9 -0.70 -7.55 8.91
CA GLY A 9 -1.15 -7.83 7.55
C GLY A 9 -1.55 -6.58 6.80
N ALA A 10 -2.22 -5.67 7.50
CA ALA A 10 -2.67 -4.42 6.88
C ALA A 10 -1.50 -3.47 6.66
N LYS A 11 -0.69 -3.28 7.70
CA LYS A 11 0.47 -2.40 7.62
C LYS A 11 1.27 -2.67 6.35
N ASN A 12 1.63 -3.93 6.14
CA ASN A 12 2.40 -4.31 4.96
C ASN A 12 1.56 -4.19 3.70
N VAL A 13 0.26 -4.42 3.83
CA VAL A 13 -0.66 -4.34 2.71
C VAL A 13 -0.70 -2.93 2.14
N GLY A 14 -0.79 -1.94 3.03
CA GLY A 14 -0.84 -0.55 2.60
C GLY A 14 0.44 -0.11 1.93
N THR A 15 1.58 -0.57 2.45
CA THR A 15 2.87 -0.21 1.89
C THR A 15 2.97 -0.61 0.42
N ALA A 16 2.53 -1.82 0.10
CA ALA A 16 2.56 -2.31 -1.27
C ALA A 16 1.71 -1.42 -2.18
N ILE A 17 0.46 -1.20 -1.79
CA ILE A 17 -0.45 -0.38 -2.58
C ILE A 17 0.21 0.93 -2.99
N ILE A 18 0.97 1.52 -2.06
CA ILE A 18 1.65 2.78 -2.32
C ILE A 18 2.94 2.55 -3.11
N LYS A 19 3.62 1.44 -2.82
CA LYS A 19 4.85 1.10 -3.51
C LYS A 19 4.69 1.21 -5.01
N ASN A 20 3.50 0.90 -5.50
CA ASN A 20 3.21 0.97 -6.94
C ASN A 20 2.64 2.34 -7.31
N ALA A 21 2.02 3.00 -6.35
CA ALA A 21 1.43 4.31 -6.57
C ALA A 21 2.38 5.42 -6.13
N LYS A 22 3.66 5.08 -6.00
CA LYS A 22 4.67 6.06 -5.59
C LYS A 22 4.91 7.09 -6.68
N VAL A 23 4.03 8.08 -6.77
CA VAL A 23 4.14 9.13 -7.76
C VAL A 23 5.48 9.85 -7.64
N CYS A 24 5.68 10.86 -8.49
CA CYS A 24 6.92 11.63 -8.48
C CYS A 24 6.89 12.69 -7.37
N VAL A 25 5.83 13.50 -7.37
CA VAL A 25 5.69 14.55 -6.35
C VAL A 25 4.73 14.12 -5.26
N TYR A 26 4.52 15.01 -4.29
CA TYR A 26 3.62 14.72 -3.17
C TYR A 26 2.21 14.44 -3.68
N ALA A 27 1.76 15.23 -4.64
CA ALA A 27 0.43 15.07 -5.20
C ALA A 27 0.36 13.82 -6.08
N VAL A 28 0.56 14.01 -7.39
CA VAL A 28 0.51 12.89 -8.33
C VAL A 28 1.41 13.17 -9.53
N CYS A 29 2.72 13.14 -9.30
CA CYS A 29 3.69 13.37 -10.37
C CYS A 29 3.50 14.77 -10.97
N VAL A 30 2.82 15.63 -10.23
CA VAL A 30 2.58 17.00 -10.69
C VAL A 30 2.55 17.97 -9.52
N SER A 31 2.09 19.19 -9.78
CA SER A 31 2.01 20.23 -8.75
C SER A 31 0.79 21.12 -8.96
N HIS A 32 -0.09 21.13 -7.98
CA HIS A 32 -1.31 21.94 -8.05
C HIS A 32 -1.01 23.40 -7.75
N LYS A 33 -0.02 23.64 -6.90
CA LYS A 33 0.37 24.99 -6.53
C LYS A 33 0.79 25.79 -7.76
N GLY A 1 -2.46 -15.04 15.03
CA GLY A 1 -3.54 -14.31 15.64
C GLY A 1 -4.08 -13.20 14.76
N PHE A 2 -5.39 -12.95 14.84
CA PHE A 2 -6.01 -11.92 14.04
C PHE A 2 -5.55 -10.52 14.48
N TRP A 3 -5.68 -10.25 15.77
CA TRP A 3 -5.27 -8.96 16.31
C TRP A 3 -3.83 -8.64 15.94
N SER A 4 -3.05 -9.68 15.64
CA SER A 4 -1.65 -9.51 15.27
C SER A 4 -1.50 -9.43 13.75
N SER A 5 -2.34 -10.17 13.04
CA SER A 5 -2.30 -10.17 11.58
C SER A 5 -3.01 -8.95 11.00
N VAL A 6 -3.74 -8.25 11.87
CA VAL A 6 -4.48 -7.06 11.45
C VAL A 6 -3.54 -5.86 11.33
N TRP A 7 -2.61 -5.75 12.26
CA TRP A 7 -1.65 -4.64 12.26
C TRP A 7 -0.48 -4.93 11.33
N ASP A 8 -0.03 -6.18 11.31
CA ASP A 8 1.08 -6.60 10.46
C ASP A 8 0.63 -6.76 9.02
N GLY A 9 -0.53 -7.38 8.84
CA GLY A 9 -1.05 -7.59 7.50
C GLY A 9 -1.41 -6.30 6.80
N ALA A 10 -2.19 -5.45 7.49
CA ALA A 10 -2.60 -4.17 6.93
C ALA A 10 -1.40 -3.27 6.68
N LYS A 11 -0.49 -3.20 7.65
CA LYS A 11 0.70 -2.37 7.52
C LYS A 11 1.44 -2.67 6.22
N ASN A 12 1.56 -3.95 5.90
CA ASN A 12 2.24 -4.38 4.68
C ASN A 12 1.32 -4.26 3.48
N VAL A 13 0.03 -4.48 3.70
CA VAL A 13 -0.95 -4.39 2.63
C VAL A 13 -1.04 -2.96 2.07
N GLY A 14 -1.23 -2.01 2.96
CA GLY A 14 -1.32 -0.61 2.55
C GLY A 14 -0.02 -0.09 1.97
N THR A 15 1.05 -0.18 2.76
CA THR A 15 2.36 0.29 2.32
C THR A 15 2.70 -0.24 0.94
N ALA A 16 2.21 -1.44 0.63
CA ALA A 16 2.46 -2.06 -0.67
C ALA A 16 1.70 -1.33 -1.78
N ILE A 17 0.44 -1.03 -1.52
CA ILE A 17 -0.40 -0.34 -2.51
C ILE A 17 0.30 0.92 -3.01
N ILE A 18 0.90 1.67 -2.10
CA ILE A 18 1.61 2.90 -2.45
C ILE A 18 2.95 2.60 -3.10
N LYS A 19 3.60 1.54 -2.65
CA LYS A 19 4.89 1.14 -3.19
C LYS A 19 4.75 0.65 -4.63
N ASN A 20 3.59 0.09 -4.94
CA ASN A 20 3.33 -0.42 -6.29
C ASN A 20 2.70 0.65 -7.16
N ALA A 21 1.91 1.51 -6.54
CA ALA A 21 1.24 2.60 -7.27
C ALA A 21 0.90 3.75 -6.32
N LYS A 22 1.92 4.50 -5.93
CA LYS A 22 1.74 5.64 -5.05
C LYS A 22 0.87 6.71 -5.70
N VAL A 23 -0.44 6.61 -5.48
CA VAL A 23 -1.38 7.57 -6.05
C VAL A 23 -1.44 8.85 -5.21
N CYS A 24 -2.23 9.82 -5.66
CA CYS A 24 -2.38 11.07 -4.95
C CYS A 24 -2.58 10.84 -3.46
N VAL A 25 -3.73 10.28 -3.10
CA VAL A 25 -4.04 10.01 -1.71
C VAL A 25 -3.90 8.52 -1.39
N TYR A 26 -4.35 8.12 -0.21
CA TYR A 26 -4.27 6.73 0.21
C TYR A 26 -4.87 5.80 -0.85
N ALA A 27 -6.07 6.13 -1.29
CA ALA A 27 -6.75 5.33 -2.31
C ALA A 27 -6.24 5.67 -3.71
N VAL A 28 -6.98 6.48 -4.43
CA VAL A 28 -6.60 6.88 -5.77
C VAL A 28 -7.15 8.26 -6.12
N CYS A 29 -6.53 9.30 -5.58
CA CYS A 29 -6.96 10.67 -5.82
C CYS A 29 -8.42 10.86 -5.46
N VAL A 30 -8.93 9.99 -4.58
CA VAL A 30 -10.32 10.06 -4.13
C VAL A 30 -10.47 9.53 -2.71
N SER A 31 -11.71 9.36 -2.29
CA SER A 31 -12.00 8.86 -0.94
C SER A 31 -13.15 7.86 -0.97
N HIS A 32 -12.86 6.63 -0.54
CA HIS A 32 -13.88 5.59 -0.51
C HIS A 32 -14.95 5.90 0.54
N LYS A 33 -14.54 6.56 1.61
CA LYS A 33 -15.47 6.92 2.68
C LYS A 33 -16.43 8.00 2.23
N GLY A 1 -3.04 -15.38 15.15
CA GLY A 1 -3.52 -14.22 15.89
C GLY A 1 -4.07 -13.15 14.97
N PHE A 2 -5.37 -12.87 15.10
CA PHE A 2 -6.02 -11.86 14.28
C PHE A 2 -5.53 -10.47 14.64
N TRP A 3 -5.56 -10.14 15.92
CA TRP A 3 -5.11 -8.84 16.39
C TRP A 3 -3.66 -8.58 15.98
N SER A 4 -2.94 -9.66 15.66
CA SER A 4 -1.55 -9.54 15.26
C SER A 4 -1.43 -9.47 13.74
N SER A 5 -2.31 -10.18 13.04
CA SER A 5 -2.30 -10.20 11.58
C SER A 5 -3.02 -8.98 11.03
N VAL A 6 -3.82 -8.33 11.87
CA VAL A 6 -4.57 -7.14 11.47
C VAL A 6 -3.65 -5.94 11.31
N TRP A 7 -2.72 -5.79 12.24
CA TRP A 7 -1.77 -4.68 12.22
C TRP A 7 -0.61 -4.98 11.28
N ASP A 8 -0.16 -6.23 11.29
CA ASP A 8 0.94 -6.64 10.43
C ASP A 8 0.50 -6.77 8.98
N GLY A 9 -0.65 -7.40 8.78
CA GLY A 9 -1.18 -7.58 7.43
C GLY A 9 -1.52 -6.26 6.77
N ALA A 10 -2.28 -5.42 7.47
CA ALA A 10 -2.67 -4.12 6.93
C ALA A 10 -1.46 -3.24 6.69
N LYS A 11 -0.56 -3.20 7.66
CA LYS A 11 0.66 -2.39 7.55
C LYS A 11 1.38 -2.67 6.24
N ASN A 12 1.48 -3.96 5.89
CA ASN A 12 2.15 -4.36 4.66
C ASN A 12 1.23 -4.20 3.46
N VAL A 13 -0.06 -4.41 3.68
CA VAL A 13 -1.05 -4.29 2.61
C VAL A 13 -1.13 -2.86 2.10
N GLY A 14 -1.06 -1.90 3.03
CA GLY A 14 -1.13 -0.50 2.64
C GLY A 14 0.16 -0.01 2.00
N THR A 15 1.28 -0.22 2.69
CA THR A 15 2.57 0.22 2.19
C THR A 15 2.86 -0.39 0.81
N ALA A 16 2.36 -1.60 0.59
CA ALA A 16 2.57 -2.29 -0.68
C ALA A 16 1.81 -1.59 -1.80
N ILE A 17 0.50 -1.47 -1.64
CA ILE A 17 -0.34 -0.82 -2.64
C ILE A 17 0.23 0.54 -3.03
N ILE A 18 0.81 1.24 -2.06
CA ILE A 18 1.39 2.55 -2.30
C ILE A 18 2.76 2.43 -2.94
N LYS A 19 3.49 1.38 -2.58
CA LYS A 19 4.82 1.14 -3.11
C LYS A 19 4.80 1.09 -4.64
N ASN A 20 3.74 0.50 -5.18
CA ASN A 20 3.60 0.40 -6.63
C ASN A 20 2.88 1.63 -7.20
N ALA A 21 1.99 2.20 -6.41
CA ALA A 21 1.24 3.38 -6.83
C ALA A 21 2.16 4.60 -6.92
N LYS A 22 3.23 4.59 -6.14
CA LYS A 22 4.18 5.70 -6.14
C LYS A 22 5.06 5.67 -7.38
N VAL A 23 4.44 5.71 -8.55
CA VAL A 23 5.17 5.68 -9.81
C VAL A 23 5.87 7.01 -10.06
N CYS A 24 6.53 7.10 -11.22
CA CYS A 24 7.25 8.32 -11.57
C CYS A 24 6.29 9.37 -12.15
N VAL A 25 5.64 9.02 -13.25
CA VAL A 25 4.69 9.92 -13.89
C VAL A 25 3.25 9.62 -13.46
N TYR A 26 2.31 10.40 -13.98
CA TYR A 26 0.91 10.21 -13.66
C TYR A 26 0.50 8.75 -13.80
N ALA A 27 0.68 8.21 -15.00
CA ALA A 27 0.33 6.81 -15.27
C ALA A 27 1.21 5.87 -14.45
N VAL A 28 2.31 5.43 -15.05
CA VAL A 28 3.24 4.52 -14.38
C VAL A 28 4.65 4.65 -14.94
N CYS A 29 5.25 5.82 -14.76
CA CYS A 29 6.59 6.07 -15.25
C CYS A 29 6.64 6.01 -16.78
N VAL A 30 5.50 6.28 -17.41
CA VAL A 30 5.40 6.27 -18.86
C VAL A 30 5.13 7.66 -19.41
N SER A 31 4.59 7.72 -20.63
CA SER A 31 4.29 8.98 -21.27
C SER A 31 2.97 8.90 -22.03
N HIS A 32 1.86 9.13 -21.33
CA HIS A 32 0.54 9.08 -21.95
C HIS A 32 0.39 10.18 -22.99
N LYS A 33 1.05 11.31 -22.76
CA LYS A 33 0.99 12.43 -23.69
C LYS A 33 1.38 12.00 -25.09
N GLY A 1 -2.55 -15.34 15.03
CA GLY A 1 -3.14 -14.25 15.79
C GLY A 1 -3.80 -13.21 14.91
N PHE A 2 -5.12 -13.10 15.02
CA PHE A 2 -5.88 -12.15 14.23
C PHE A 2 -5.51 -10.71 14.62
N TRP A 3 -5.64 -10.41 15.89
CA TRP A 3 -5.33 -9.06 16.39
C TRP A 3 -3.91 -8.67 16.00
N SER A 4 -3.08 -9.65 15.70
CA SER A 4 -1.69 -9.40 15.31
C SER A 4 -1.55 -9.35 13.79
N SER A 5 -2.41 -10.10 13.10
CA SER A 5 -2.38 -10.14 11.64
C SER A 5 -3.06 -8.91 11.05
N VAL A 6 -3.83 -8.20 11.88
CA VAL A 6 -4.52 -7.00 11.44
C VAL A 6 -3.57 -5.82 11.33
N TRP A 7 -2.64 -5.73 12.27
CA TRP A 7 -1.67 -4.64 12.27
C TRP A 7 -0.50 -4.95 11.35
N ASP A 8 -0.10 -6.22 11.30
CA ASP A 8 1.00 -6.64 10.45
C ASP A 8 0.55 -6.77 9.00
N GLY A 9 -0.60 -7.40 8.79
CA GLY A 9 -1.13 -7.57 7.45
C GLY A 9 -1.49 -6.25 6.79
N ALA A 10 -2.23 -5.42 7.51
CA ALA A 10 -2.63 -4.12 6.98
C ALA A 10 -1.43 -3.23 6.71
N LYS A 11 -0.51 -3.18 7.68
CA LYS A 11 0.69 -2.37 7.55
C LYS A 11 1.41 -2.66 6.24
N ASN A 12 1.51 -3.94 5.89
CA ASN A 12 2.17 -4.34 4.66
C ASN A 12 1.22 -4.19 3.46
N VAL A 13 -0.07 -4.39 3.70
CA VAL A 13 -1.07 -4.27 2.65
C VAL A 13 -1.15 -2.84 2.12
N GLY A 14 -1.10 -1.88 3.04
CA GLY A 14 -1.18 -0.48 2.66
C GLY A 14 0.11 0.01 2.01
N THR A 15 1.23 -0.18 2.70
CA THR A 15 2.52 0.25 2.18
C THR A 15 2.78 -0.36 0.81
N ALA A 16 2.30 -1.57 0.59
CA ALA A 16 2.48 -2.26 -0.69
C ALA A 16 1.74 -1.53 -1.81
N ILE A 17 0.44 -1.32 -1.62
CA ILE A 17 -0.38 -0.63 -2.60
C ILE A 17 0.27 0.67 -3.06
N ILE A 18 0.90 1.36 -2.11
CA ILE A 18 1.57 2.63 -2.40
C ILE A 18 2.92 2.39 -3.07
N LYS A 19 3.59 1.33 -2.65
CA LYS A 19 4.90 0.99 -3.20
C LYS A 19 4.84 0.87 -4.72
N ASN A 20 3.70 0.43 -5.23
CA ASN A 20 3.51 0.27 -6.67
C ASN A 20 2.78 1.47 -7.25
N ALA A 21 1.89 2.07 -6.46
CA ALA A 21 1.12 3.22 -6.91
C ALA A 21 1.76 4.52 -6.42
N LYS A 22 3.08 4.49 -6.21
CA LYS A 22 3.82 5.65 -5.74
C LYS A 22 3.51 6.87 -6.61
N VAL A 23 3.13 6.62 -7.87
CA VAL A 23 2.80 7.70 -8.79
C VAL A 23 1.65 8.55 -8.26
N CYS A 24 1.23 9.52 -9.06
CA CYS A 24 0.12 10.40 -8.68
C CYS A 24 -1.21 9.64 -8.71
N VAL A 25 -1.64 9.28 -9.91
CA VAL A 25 -2.90 8.56 -10.08
C VAL A 25 -2.68 7.05 -10.00
N TYR A 26 -3.75 6.30 -10.21
CA TYR A 26 -3.69 4.84 -10.16
C TYR A 26 -2.83 4.30 -11.30
N ALA A 27 -2.75 5.06 -12.39
CA ALA A 27 -1.96 4.67 -13.54
C ALA A 27 -0.48 4.97 -13.33
N VAL A 28 -0.01 6.07 -13.93
CA VAL A 28 1.37 6.47 -13.79
C VAL A 28 1.53 7.98 -13.92
N CYS A 29 0.62 8.71 -13.28
CA CYS A 29 0.65 10.17 -13.32
C CYS A 29 0.61 10.69 -14.75
N VAL A 30 0.12 9.84 -15.66
CA VAL A 30 0.04 10.21 -17.07
C VAL A 30 -1.37 9.99 -17.61
N SER A 31 -1.98 8.88 -17.23
CA SER A 31 -3.33 8.55 -17.67
C SER A 31 -4.34 8.75 -16.53
N HIS A 32 -4.41 9.97 -16.01
CA HIS A 32 -5.32 10.28 -14.92
C HIS A 32 -6.76 9.96 -15.32
N LYS A 33 -7.02 9.95 -16.62
CA LYS A 33 -8.36 9.64 -17.13
C LYS A 33 -8.90 8.36 -16.51
N GLY A 1 -1.99 -14.88 15.12
CA GLY A 1 -3.14 -14.26 15.76
C GLY A 1 -3.81 -13.23 14.88
N PHE A 2 -5.13 -13.10 15.00
CA PHE A 2 -5.89 -12.14 14.22
C PHE A 2 -5.52 -10.71 14.61
N TRP A 3 -5.64 -10.41 15.89
CA TRP A 3 -5.33 -9.08 16.41
C TRP A 3 -3.92 -8.66 16.00
N SER A 4 -3.09 -9.65 15.68
CA SER A 4 -1.70 -9.38 15.28
C SER A 4 -1.59 -9.31 13.76
N SER A 5 -2.38 -10.12 13.07
CA SER A 5 -2.36 -10.15 11.61
C SER A 5 -3.03 -8.90 11.04
N VAL A 6 -3.80 -8.21 11.88
CA VAL A 6 -4.50 -7.00 11.45
C VAL A 6 -3.54 -5.82 11.35
N TRP A 7 -2.61 -5.74 12.28
CA TRP A 7 -1.62 -4.66 12.29
C TRP A 7 -0.47 -4.96 11.33
N ASP A 8 -0.07 -6.22 11.28
CA ASP A 8 1.02 -6.64 10.42
C ASP A 8 0.56 -6.76 8.98
N GLY A 9 -0.60 -7.39 8.78
CA GLY A 9 -1.14 -7.56 7.44
C GLY A 9 -1.49 -6.24 6.79
N ALA A 10 -2.24 -5.40 7.51
CA ALA A 10 -2.63 -4.10 6.99
C ALA A 10 -1.43 -3.21 6.73
N LYS A 11 -0.51 -3.17 7.68
CA LYS A 11 0.70 -2.36 7.56
C LYS A 11 1.40 -2.65 6.23
N ASN A 12 1.50 -3.93 5.88
CA ASN A 12 2.15 -4.33 4.64
C ASN A 12 1.21 -4.16 3.45
N VAL A 13 -0.08 -4.37 3.69
CA VAL A 13 -1.09 -4.24 2.65
C VAL A 13 -1.16 -2.81 2.13
N GLY A 14 -1.12 -1.85 3.06
CA GLY A 14 -1.18 -0.45 2.68
C GLY A 14 0.09 0.03 2.02
N THR A 15 1.22 -0.18 2.68
CA THR A 15 2.51 0.24 2.15
C THR A 15 2.77 -0.37 0.78
N ALA A 16 2.29 -1.59 0.58
CA ALA A 16 2.47 -2.29 -0.69
C ALA A 16 1.73 -1.57 -1.81
N ILE A 17 0.43 -1.35 -1.63
CA ILE A 17 -0.39 -0.68 -2.62
C ILE A 17 0.26 0.63 -3.07
N ILE A 18 0.87 1.33 -2.12
CA ILE A 18 1.54 2.60 -2.40
C ILE A 18 2.91 2.37 -3.03
N LYS A 19 3.58 1.31 -2.62
CA LYS A 19 4.90 0.98 -3.13
C LYS A 19 4.87 0.88 -4.65
N ASN A 20 3.74 0.43 -5.19
CA ASN A 20 3.58 0.29 -6.63
C ASN A 20 2.76 1.44 -7.21
N ALA A 21 1.83 1.96 -6.41
CA ALA A 21 0.99 3.06 -6.84
C ALA A 21 1.52 4.40 -6.31
N LYS A 22 2.82 4.47 -6.13
CA LYS A 22 3.46 5.69 -5.63
C LYS A 22 3.68 6.68 -6.76
N VAL A 23 3.18 6.36 -7.95
CA VAL A 23 3.32 7.22 -9.11
C VAL A 23 2.62 8.56 -8.89
N CYS A 24 3.32 9.65 -9.17
CA CYS A 24 2.78 10.98 -9.00
C CYS A 24 1.90 11.37 -10.19
N VAL A 25 2.37 11.04 -11.39
CA VAL A 25 1.64 11.35 -12.62
C VAL A 25 1.06 10.09 -13.24
N TYR A 26 0.56 10.22 -14.47
CA TYR A 26 -0.03 9.08 -15.18
C TYR A 26 0.92 7.88 -15.17
N ALA A 27 2.16 8.12 -15.58
CA ALA A 27 3.16 7.07 -15.62
C ALA A 27 3.75 6.82 -14.24
N VAL A 28 4.89 7.46 -13.95
CA VAL A 28 5.55 7.30 -12.65
C VAL A 28 6.35 8.55 -12.31
N CYS A 29 5.70 9.52 -11.68
CA CYS A 29 6.36 10.75 -11.28
C CYS A 29 7.05 11.41 -12.49
N VAL A 30 6.58 11.08 -13.69
CA VAL A 30 7.15 11.64 -14.90
C VAL A 30 6.10 11.73 -16.01
N SER A 31 6.55 12.04 -17.22
CA SER A 31 5.65 12.17 -18.36
C SER A 31 6.15 11.35 -19.54
N HIS A 32 5.69 10.11 -19.62
CA HIS A 32 6.09 9.21 -20.71
C HIS A 32 5.57 9.71 -22.05
N LYS A 33 4.40 10.35 -22.01
CA LYS A 33 3.79 10.88 -23.23
C LYS A 33 4.67 11.95 -23.87
N GLY A 1 -1.85 -14.42 15.88
CA GLY A 1 -3.15 -13.97 16.36
C GLY A 1 -3.78 -12.93 15.43
N PHE A 2 -5.09 -13.01 15.27
CA PHE A 2 -5.82 -12.08 14.41
C PHE A 2 -5.48 -10.64 14.78
N TRP A 3 -5.64 -10.30 16.04
CA TRP A 3 -5.37 -8.96 16.52
C TRP A 3 -3.98 -8.50 16.08
N SER A 4 -3.11 -9.47 15.80
CA SER A 4 -1.75 -9.16 15.36
C SER A 4 -1.66 -9.15 13.84
N SER A 5 -2.38 -10.06 13.20
CA SER A 5 -2.37 -10.16 11.74
C SER A 5 -3.03 -8.94 11.12
N VAL A 6 -3.80 -8.20 11.93
CA VAL A 6 -4.48 -7.00 11.45
C VAL A 6 -3.51 -5.84 11.29
N TRP A 7 -2.57 -5.73 12.22
CA TRP A 7 -1.58 -4.66 12.19
C TRP A 7 -0.43 -5.01 11.25
N ASP A 8 -0.06 -6.29 11.22
CA ASP A 8 1.03 -6.76 10.38
C ASP A 8 0.57 -6.89 8.93
N GLY A 9 -0.59 -7.51 8.73
CA GLY A 9 -1.12 -7.69 7.40
C GLY A 9 -1.46 -6.38 6.73
N ALA A 10 -2.19 -5.52 7.44
CA ALA A 10 -2.59 -4.22 6.90
C ALA A 10 -1.36 -3.36 6.62
N LYS A 11 -0.45 -3.30 7.58
CA LYS A 11 0.77 -2.50 7.43
C LYS A 11 1.46 -2.82 6.10
N ASN A 12 1.55 -4.11 5.78
CA ASN A 12 2.19 -4.54 4.55
C ASN A 12 1.25 -4.38 3.36
N VAL A 13 -0.05 -4.56 3.60
CA VAL A 13 -1.05 -4.43 2.56
C VAL A 13 -1.10 -3.01 2.02
N GLY A 14 -1.31 -2.05 2.92
CA GLY A 14 -1.37 -0.65 2.51
C GLY A 14 -0.07 -0.16 1.93
N THR A 15 1.02 -0.30 2.68
CA THR A 15 2.33 0.14 2.22
C THR A 15 2.63 -0.38 0.83
N ALA A 16 2.10 -1.56 0.51
CA ALA A 16 2.31 -2.17 -0.80
C ALA A 16 1.59 -1.38 -1.90
N ILE A 17 0.33 -1.05 -1.64
CA ILE A 17 -0.47 -0.30 -2.60
C ILE A 17 0.26 0.96 -3.06
N ILE A 18 0.88 1.66 -2.11
CA ILE A 18 1.62 2.88 -2.41
C ILE A 18 3.00 2.56 -2.98
N LYS A 19 3.58 1.46 -2.51
CA LYS A 19 4.90 1.04 -2.97
C LYS A 19 4.96 0.99 -4.49
N ASN A 20 3.93 0.43 -5.11
CA ASN A 20 3.86 0.32 -6.56
C ASN A 20 2.98 1.42 -7.14
N ALA A 21 2.78 2.49 -6.37
CA ALA A 21 1.96 3.60 -6.81
C ALA A 21 2.82 4.76 -7.29
N LYS A 22 3.59 5.35 -6.38
CA LYS A 22 4.47 6.46 -6.71
C LYS A 22 5.34 6.13 -7.91
N VAL A 23 5.66 4.85 -8.08
CA VAL A 23 6.48 4.40 -9.19
C VAL A 23 5.95 4.93 -10.52
N CYS A 24 6.86 5.41 -11.37
CA CYS A 24 6.48 5.94 -12.67
C CYS A 24 6.27 4.81 -13.68
N VAL A 25 7.05 3.74 -13.53
CA VAL A 25 6.95 2.60 -14.43
C VAL A 25 6.53 1.34 -13.67
N TYR A 26 6.61 0.20 -14.35
CA TYR A 26 6.24 -1.08 -13.74
C TYR A 26 7.14 -1.38 -12.54
N ALA A 27 8.44 -1.19 -12.73
CA ALA A 27 9.41 -1.44 -11.66
C ALA A 27 9.31 -0.39 -10.57
N VAL A 28 10.14 0.65 -10.68
CA VAL A 28 10.15 1.72 -9.70
C VAL A 28 10.65 3.03 -10.32
N CYS A 29 9.83 3.62 -11.18
CA CYS A 29 10.18 4.87 -11.84
C CYS A 29 11.37 4.67 -12.78
N VAL A 30 11.71 3.41 -13.03
CA VAL A 30 12.82 3.08 -13.91
C VAL A 30 12.59 1.75 -14.61
N SER A 31 13.30 1.54 -15.73
CA SER A 31 13.17 0.31 -16.49
C SER A 31 14.52 -0.15 -17.02
N HIS A 32 14.84 -1.42 -16.77
CA HIS A 32 16.12 -1.98 -17.21
C HIS A 32 16.21 -1.98 -18.73
N LYS A 33 15.07 -2.13 -19.39
CA LYS A 33 15.01 -2.15 -20.85
C LYS A 33 15.41 -0.80 -21.42
N GLY A 1 -1.96 -15.42 14.81
CA GLY A 1 -2.50 -14.36 15.65
C GLY A 1 -3.31 -13.34 14.86
N PHE A 2 -4.62 -13.42 15.00
CA PHE A 2 -5.50 -12.49 14.28
C PHE A 2 -5.17 -11.05 14.61
N TRP A 3 -5.17 -10.72 15.90
CA TRP A 3 -4.87 -9.38 16.35
C TRP A 3 -3.61 -8.85 15.68
N SER A 4 -2.68 -9.76 15.38
CA SER A 4 -1.42 -9.39 14.74
C SER A 4 -1.61 -9.21 13.24
N SER A 5 -2.44 -10.07 12.64
CA SER A 5 -2.70 -10.00 11.21
C SER A 5 -3.43 -8.71 10.84
N VAL A 6 -3.94 -8.02 11.85
CA VAL A 6 -4.65 -6.77 11.65
C VAL A 6 -3.68 -5.61 11.47
N TRP A 7 -2.78 -5.43 12.43
CA TRP A 7 -1.81 -4.36 12.37
C TRP A 7 -0.65 -4.72 11.44
N ASP A 8 -0.28 -5.99 11.43
CA ASP A 8 0.80 -6.47 10.58
C ASP A 8 0.33 -6.64 9.14
N GLY A 9 -0.87 -7.20 8.98
CA GLY A 9 -1.42 -7.41 7.66
C GLY A 9 -1.71 -6.11 6.93
N ALA A 10 -2.42 -5.21 7.59
CA ALA A 10 -2.77 -3.91 7.00
C ALA A 10 -1.51 -3.09 6.73
N LYS A 11 -0.61 -3.04 7.71
CA LYS A 11 0.62 -2.28 7.57
C LYS A 11 1.36 -2.66 6.28
N ASN A 12 1.41 -3.96 6.00
CA ASN A 12 2.08 -4.45 4.80
C ASN A 12 1.17 -4.30 3.58
N VAL A 13 -0.13 -4.44 3.79
CA VAL A 13 -1.10 -4.32 2.71
C VAL A 13 -1.11 -2.91 2.12
N GLY A 14 -1.28 -1.92 2.99
CA GLY A 14 -1.30 -0.53 2.55
C GLY A 14 0.03 -0.10 1.97
N THR A 15 1.09 -0.23 2.77
CA THR A 15 2.43 0.15 2.34
C THR A 15 2.76 -0.44 0.97
N ALA A 16 2.21 -1.61 0.68
CA ALA A 16 2.44 -2.28 -0.60
C ALA A 16 1.80 -1.50 -1.74
N ILE A 17 0.51 -1.18 -1.58
CA ILE A 17 -0.21 -0.44 -2.60
C ILE A 17 0.53 0.82 -3.01
N ILE A 18 1.15 1.47 -2.03
CA ILE A 18 1.90 2.70 -2.29
C ILE A 18 3.22 2.39 -2.99
N LYS A 19 3.78 1.23 -2.71
CA LYS A 19 5.04 0.81 -3.32
C LYS A 19 4.87 0.56 -4.81
N ASN A 20 3.66 0.15 -5.21
CA ASN A 20 3.38 -0.11 -6.61
C ASN A 20 2.73 1.09 -7.28
N ALA A 21 1.95 1.85 -6.49
CA ALA A 21 1.28 3.04 -7.01
C ALA A 21 2.28 4.14 -7.32
N LYS A 22 3.43 4.10 -6.67
CA LYS A 22 4.48 5.09 -6.87
C LYS A 22 5.22 4.84 -8.17
N VAL A 23 4.47 4.78 -9.27
CA VAL A 23 5.06 4.55 -10.59
C VAL A 23 5.90 5.74 -11.03
N CYS A 24 6.43 5.66 -12.25
CA CYS A 24 7.26 6.74 -12.79
C CYS A 24 6.39 7.86 -13.34
N VAL A 25 5.47 7.52 -14.23
CA VAL A 25 4.58 8.51 -14.84
C VAL A 25 3.20 8.47 -14.17
N TYR A 26 2.26 9.20 -14.76
CA TYR A 26 0.90 9.26 -14.23
C TYR A 26 0.26 7.88 -14.22
N ALA A 27 0.37 7.18 -15.35
CA ALA A 27 -0.19 5.84 -15.48
C ALA A 27 0.63 4.82 -14.72
N VAL A 28 1.55 4.16 -15.43
CA VAL A 28 2.41 3.16 -14.83
C VAL A 28 3.74 3.05 -15.58
N CYS A 29 4.67 3.95 -15.25
CA CYS A 29 5.97 3.95 -15.90
C CYS A 29 5.84 4.00 -17.41
N VAL A 30 4.70 4.48 -17.89
CA VAL A 30 4.44 4.57 -19.31
C VAL A 30 3.51 5.74 -19.63
N SER A 31 3.05 5.80 -20.88
CA SER A 31 2.15 6.87 -21.31
C SER A 31 0.93 6.30 -22.03
N HIS A 32 -0.13 6.04 -21.27
CA HIS A 32 -1.35 5.49 -21.83
C HIS A 32 -1.83 6.33 -23.02
N LYS A 33 -1.55 7.63 -22.97
CA LYS A 33 -1.94 8.53 -24.04
C LYS A 33 -0.98 8.44 -25.22
N GLY A 1 -2.63 -15.32 15.01
CA GLY A 1 -3.22 -14.23 15.77
C GLY A 1 -3.88 -13.19 14.89
N PHE A 2 -5.19 -13.08 14.97
CA PHE A 2 -5.94 -12.12 14.16
C PHE A 2 -5.57 -10.69 14.55
N TRP A 3 -5.73 -10.37 15.82
CA TRP A 3 -5.41 -9.04 16.33
C TRP A 3 -3.99 -8.63 15.95
N SER A 4 -3.16 -9.63 15.67
CA SER A 4 -1.76 -9.38 15.30
C SER A 4 -1.61 -9.33 13.78
N SER A 5 -2.45 -10.08 13.08
CA SER A 5 -2.40 -10.13 11.63
C SER A 5 -3.06 -8.88 11.02
N VAL A 6 -3.84 -8.18 11.84
CA VAL A 6 -4.54 -6.99 11.39
C VAL A 6 -3.58 -5.80 11.29
N TRP A 7 -2.66 -5.71 12.24
CA TRP A 7 -1.68 -4.62 12.26
C TRP A 7 -0.51 -4.94 11.34
N ASP A 8 -0.11 -6.21 11.32
CA ASP A 8 1.00 -6.63 10.47
C ASP A 8 0.57 -6.76 9.01
N GLY A 9 -0.58 -7.39 8.80
CA GLY A 9 -1.09 -7.57 7.45
C GLY A 9 -1.43 -6.25 6.78
N ALA A 10 -2.19 -5.41 7.47
CA ALA A 10 -2.58 -4.12 6.94
C ALA A 10 -1.36 -3.23 6.69
N LYS A 11 -0.46 -3.19 7.67
CA LYS A 11 0.75 -2.38 7.56
C LYS A 11 1.48 -2.67 6.25
N ASN A 12 1.58 -3.95 5.90
CA ASN A 12 2.25 -4.37 4.68
C ASN A 12 1.33 -4.20 3.47
N VAL A 13 0.03 -4.41 3.69
CA VAL A 13 -0.95 -4.29 2.62
C VAL A 13 -1.03 -2.86 2.10
N GLY A 14 -0.96 -1.90 3.03
CA GLY A 14 -1.01 -0.50 2.64
C GLY A 14 0.28 -0.01 2.02
N THR A 15 1.39 -0.21 2.71
CA THR A 15 2.69 0.21 2.21
C THR A 15 2.96 -0.37 0.83
N ALA A 16 2.45 -1.56 0.58
CA ALA A 16 2.63 -2.22 -0.70
C ALA A 16 1.87 -1.50 -1.80
N ILE A 17 0.56 -1.40 -1.63
CA ILE A 17 -0.30 -0.73 -2.61
C ILE A 17 0.25 0.65 -2.97
N ILE A 18 0.82 1.33 -1.98
CA ILE A 18 1.38 2.65 -2.19
C ILE A 18 2.70 2.58 -2.93
N LYS A 19 3.48 1.53 -2.66
CA LYS A 19 4.77 1.34 -3.31
C LYS A 19 4.58 0.97 -4.79
N ASN A 20 3.45 0.34 -5.09
CA ASN A 20 3.16 -0.06 -6.47
C ASN A 20 2.45 1.06 -7.22
N ALA A 21 1.65 1.85 -6.50
CA ALA A 21 0.92 2.95 -7.10
C ALA A 21 0.55 3.99 -6.05
N LYS A 22 1.55 4.74 -5.59
CA LYS A 22 1.33 5.77 -4.58
C LYS A 22 0.34 6.82 -5.08
N VAL A 23 -0.93 6.62 -4.79
CA VAL A 23 -1.97 7.54 -5.21
C VAL A 23 -1.79 8.91 -4.56
N CYS A 24 -2.73 9.82 -4.82
CA CYS A 24 -2.66 11.17 -4.27
C CYS A 24 -3.18 11.19 -2.82
N VAL A 25 -4.42 10.76 -2.64
CA VAL A 25 -5.03 10.71 -1.32
C VAL A 25 -5.03 9.30 -0.75
N TYR A 26 -5.72 9.12 0.38
CA TYR A 26 -5.80 7.81 1.02
C TYR A 26 -6.30 6.76 0.04
N ALA A 27 -7.44 7.02 -0.58
CA ALA A 27 -8.03 6.09 -1.54
C ALA A 27 -7.23 6.07 -2.84
N VAL A 28 -7.69 6.84 -3.83
CA VAL A 28 -7.02 6.92 -5.11
C VAL A 28 -7.30 8.25 -5.80
N CYS A 29 -6.63 9.30 -5.36
CA CYS A 29 -6.81 10.63 -5.94
C CYS A 29 -8.27 11.09 -5.79
N VAL A 30 -9.01 10.41 -4.92
CA VAL A 30 -10.40 10.76 -4.68
C VAL A 30 -10.82 10.40 -3.26
N SER A 31 -11.87 11.06 -2.78
CA SER A 31 -12.38 10.81 -1.43
C SER A 31 -13.85 10.43 -1.46
N HIS A 32 -14.14 9.18 -1.14
CA HIS A 32 -15.51 8.69 -1.14
C HIS A 32 -16.41 9.58 -0.27
N LYS A 33 -15.82 10.16 0.76
CA LYS A 33 -16.56 11.05 1.66
C LYS A 33 -17.28 12.13 0.88
N GLY A 1 -3.07 -15.46 15.12
CA GLY A 1 -3.50 -14.28 15.85
C GLY A 1 -4.06 -13.21 14.93
N PHE A 2 -5.35 -12.98 15.02
CA PHE A 2 -6.02 -11.97 14.19
C PHE A 2 -5.55 -10.57 14.55
N TRP A 3 -5.62 -10.24 15.83
CA TRP A 3 -5.20 -8.92 16.31
C TRP A 3 -3.74 -8.65 15.94
N SER A 4 -3.01 -9.70 15.63
CA SER A 4 -1.60 -9.58 15.25
C SER A 4 -1.45 -9.48 13.74
N SER A 5 -2.29 -10.22 13.01
CA SER A 5 -2.26 -10.22 11.56
C SER A 5 -2.99 -9.01 11.00
N VAL A 6 -3.82 -8.38 11.83
CA VAL A 6 -4.59 -7.21 11.41
C VAL A 6 -3.69 -5.99 11.29
N TRP A 7 -2.78 -5.82 12.24
CA TRP A 7 -1.87 -4.70 12.24
C TRP A 7 -0.68 -4.96 11.32
N ASP A 8 -0.19 -6.20 11.34
CA ASP A 8 0.94 -6.59 10.51
C ASP A 8 0.53 -6.73 9.05
N GLY A 9 -0.61 -7.37 8.82
CA GLY A 9 -1.09 -7.57 7.47
C GLY A 9 -1.46 -6.25 6.79
N ALA A 10 -2.26 -5.44 7.48
CA ALA A 10 -2.68 -4.15 6.94
C ALA A 10 -1.49 -3.23 6.72
N LYS A 11 -0.61 -3.16 7.72
CA LYS A 11 0.58 -2.32 7.63
C LYS A 11 1.34 -2.58 6.33
N ASN A 12 1.50 -3.86 5.98
CA ASN A 12 2.20 -4.24 4.77
C ASN A 12 1.30 -4.11 3.55
N VAL A 13 0.02 -4.36 3.74
CA VAL A 13 -0.96 -4.26 2.66
C VAL A 13 -1.06 -2.83 2.14
N GLY A 14 -1.08 -1.87 3.06
CA GLY A 14 -1.18 -0.47 2.68
C GLY A 14 0.10 0.05 2.06
N THR A 15 1.21 -0.10 2.78
CA THR A 15 2.51 0.37 2.30
C THR A 15 2.84 -0.25 0.93
N ALA A 16 2.43 -1.50 0.74
CA ALA A 16 2.68 -2.19 -0.51
C ALA A 16 1.96 -1.51 -1.68
N ILE A 17 0.66 -1.29 -1.51
CA ILE A 17 -0.13 -0.64 -2.55
C ILE A 17 0.48 0.70 -2.96
N ILE A 18 1.08 1.39 -2.00
CA ILE A 18 1.71 2.68 -2.25
C ILE A 18 3.00 2.51 -3.07
N LYS A 19 3.68 1.39 -2.87
CA LYS A 19 4.91 1.11 -3.59
C LYS A 19 4.63 0.82 -5.06
N ASN A 20 3.46 0.27 -5.33
CA ASN A 20 3.06 -0.05 -6.71
C ASN A 20 2.28 1.10 -7.33
N ALA A 21 1.55 1.83 -6.50
CA ALA A 21 0.75 2.96 -6.97
C ALA A 21 1.65 4.13 -7.38
N LYS A 22 2.84 4.20 -6.79
CA LYS A 22 3.79 5.26 -7.10
C LYS A 22 4.46 5.01 -8.44
N VAL A 23 3.66 4.89 -9.50
CA VAL A 23 4.18 4.65 -10.84
C VAL A 23 4.71 5.95 -11.45
N CYS A 24 3.79 6.79 -11.90
CA CYS A 24 4.16 8.06 -12.51
C CYS A 24 4.49 9.10 -11.45
N VAL A 25 3.63 9.22 -10.44
CA VAL A 25 3.84 10.17 -9.37
C VAL A 25 3.81 9.48 -8.00
N TYR A 26 3.81 10.28 -6.94
CA TYR A 26 3.79 9.74 -5.58
C TYR A 26 2.41 9.21 -5.22
N ALA A 27 1.38 9.93 -5.66
CA ALA A 27 0.00 9.53 -5.38
C ALA A 27 -0.32 8.20 -6.05
N VAL A 28 -0.86 8.26 -7.27
CA VAL A 28 -1.22 7.06 -8.01
C VAL A 28 -1.12 7.29 -9.52
N CYS A 29 0.10 7.53 -10.00
CA CYS A 29 0.32 7.77 -11.42
C CYS A 29 -0.32 9.09 -11.86
N VAL A 30 -0.75 9.88 -10.88
CA VAL A 30 -1.38 11.17 -11.16
C VAL A 30 -1.17 12.15 -10.02
N SER A 31 -1.62 13.38 -10.21
CA SER A 31 -1.48 14.42 -9.19
C SER A 31 -2.84 14.89 -8.69
N HIS A 32 -3.35 14.21 -7.67
CA HIS A 32 -4.65 14.57 -7.10
C HIS A 32 -4.69 16.04 -6.70
N LYS A 33 -3.54 16.58 -6.30
CA LYS A 33 -3.44 17.97 -5.90
C LYS A 33 -3.98 18.89 -6.99
N GLY A 1 -3.16 -15.38 15.16
CA GLY A 1 -3.58 -14.19 15.88
C GLY A 1 -4.12 -13.11 14.96
N PHE A 2 -5.42 -12.84 15.08
CA PHE A 2 -6.07 -11.83 14.24
C PHE A 2 -5.56 -10.44 14.60
N TRP A 3 -5.61 -10.10 15.88
CA TRP A 3 -5.15 -8.79 16.36
C TRP A 3 -3.70 -8.55 15.96
N SER A 4 -2.99 -9.62 15.64
CA SER A 4 -1.58 -9.52 15.25
C SER A 4 -1.45 -9.45 13.73
N SER A 5 -2.33 -10.16 13.03
CA SER A 5 -2.31 -10.18 11.57
C SER A 5 -3.03 -8.97 11.01
N VAL A 6 -3.83 -8.31 11.84
CA VAL A 6 -4.57 -7.12 11.42
C VAL A 6 -3.64 -5.92 11.27
N TRP A 7 -2.72 -5.76 12.21
CA TRP A 7 -1.77 -4.66 12.18
C TRP A 7 -0.60 -4.97 11.27
N ASP A 8 -0.16 -6.22 11.27
CA ASP A 8 0.96 -6.65 10.43
C ASP A 8 0.52 -6.78 8.98
N GLY A 9 -0.64 -7.40 8.77
CA GLY A 9 -1.14 -7.59 7.42
C GLY A 9 -1.48 -6.27 6.74
N ALA A 10 -2.24 -5.43 7.43
CA ALA A 10 -2.63 -4.13 6.88
C ALA A 10 -1.41 -3.25 6.65
N LYS A 11 -0.51 -3.21 7.62
CA LYS A 11 0.70 -2.41 7.53
C LYS A 11 1.44 -2.69 6.22
N ASN A 12 1.54 -3.98 5.87
CA ASN A 12 2.22 -4.39 4.65
C ASN A 12 1.30 -4.23 3.44
N VAL A 13 0.00 -4.43 3.65
CA VAL A 13 -0.98 -4.31 2.58
C VAL A 13 -1.06 -2.88 2.07
N GLY A 14 -0.96 -1.93 2.99
CA GLY A 14 -1.02 -0.52 2.61
C GLY A 14 0.27 -0.04 1.98
N THR A 15 1.38 -0.24 2.68
CA THR A 15 2.69 0.18 2.18
C THR A 15 2.97 -0.40 0.80
N ALA A 16 2.45 -1.60 0.55
CA ALA A 16 2.65 -2.26 -0.73
C ALA A 16 1.86 -1.56 -1.84
N ILE A 17 0.54 -1.50 -1.67
CA ILE A 17 -0.32 -0.86 -2.65
C ILE A 17 0.18 0.55 -2.98
N ILE A 18 0.72 1.24 -1.98
CA ILE A 18 1.24 2.58 -2.17
C ILE A 18 2.62 2.56 -2.80
N LYS A 19 3.38 1.51 -2.50
CA LYS A 19 4.73 1.37 -3.04
C LYS A 19 4.69 1.05 -4.54
N ASN A 20 3.56 0.51 -4.99
CA ASN A 20 3.39 0.15 -6.39
C ASN A 20 2.70 1.29 -7.15
N ALA A 21 1.99 2.14 -6.42
CA ALA A 21 1.29 3.27 -7.03
C ALA A 21 2.24 4.44 -7.24
N LYS A 22 2.57 5.14 -6.16
CA LYS A 22 3.46 6.29 -6.23
C LYS A 22 4.71 5.96 -7.04
N VAL A 23 5.32 4.81 -6.73
CA VAL A 23 6.53 4.38 -7.42
C VAL A 23 6.18 3.71 -8.75
N CYS A 24 6.28 4.47 -9.83
CA CYS A 24 5.98 3.95 -11.16
C CYS A 24 7.17 3.20 -11.73
N VAL A 25 8.36 3.50 -11.23
CA VAL A 25 9.59 2.85 -11.68
C VAL A 25 10.41 2.35 -10.50
N TYR A 26 11.66 1.97 -10.78
CA TYR A 26 12.56 1.47 -9.74
C TYR A 26 12.70 2.49 -8.61
N ALA A 27 13.14 3.70 -8.96
CA ALA A 27 13.32 4.76 -7.98
C ALA A 27 11.98 5.20 -7.39
N VAL A 28 11.40 6.24 -7.97
CA VAL A 28 10.12 6.76 -7.51
C VAL A 28 9.37 7.47 -8.63
N CYS A 29 8.80 6.69 -9.54
CA CYS A 29 8.06 7.25 -10.67
C CYS A 29 8.98 8.02 -11.60
N VAL A 30 10.29 7.86 -11.40
CA VAL A 30 11.28 8.54 -12.23
C VAL A 30 12.55 7.70 -12.36
N SER A 31 13.35 8.02 -13.38
CA SER A 31 14.59 7.28 -13.62
C SER A 31 15.76 8.25 -13.77
N HIS A 32 16.67 8.23 -12.81
CA HIS A 32 17.84 9.10 -12.83
C HIS A 32 18.89 8.56 -13.80
N LYS A 33 18.93 9.13 -15.00
CA LYS A 33 19.89 8.71 -16.02
C LYS A 33 21.03 9.71 -16.12
N GLY A 1 -2.28 -14.65 15.48
CA GLY A 1 -3.36 -13.93 16.13
C GLY A 1 -4.02 -12.93 15.19
N PHE A 2 -5.33 -12.75 15.35
CA PHE A 2 -6.07 -11.82 14.52
C PHE A 2 -5.61 -10.38 14.77
N TRP A 3 -5.66 -9.95 16.02
CA TRP A 3 -5.24 -8.60 16.38
C TRP A 3 -3.79 -8.35 15.99
N SER A 4 -3.06 -9.43 15.72
CA SER A 4 -1.66 -9.33 15.33
C SER A 4 -1.51 -9.33 13.81
N SER A 5 -2.38 -10.08 13.14
CA SER A 5 -2.34 -10.17 11.69
C SER A 5 -3.03 -8.96 11.05
N VAL A 6 -3.85 -8.27 11.84
CA VAL A 6 -4.57 -7.10 11.36
C VAL A 6 -3.63 -5.92 11.16
N TRP A 7 -2.72 -5.73 12.11
CA TRP A 7 -1.76 -4.64 12.04
C TRP A 7 -0.59 -5.00 11.13
N ASP A 8 -0.16 -6.25 11.20
CA ASP A 8 0.95 -6.72 10.38
C ASP A 8 0.52 -6.87 8.92
N GLY A 9 -0.64 -7.48 8.71
CA GLY A 9 -1.13 -7.68 7.36
C GLY A 9 -1.45 -6.38 6.66
N ALA A 10 -2.19 -5.52 7.33
CA ALA A 10 -2.56 -4.22 6.77
C ALA A 10 -1.34 -3.36 6.51
N LYS A 11 -0.44 -3.31 7.49
CA LYS A 11 0.79 -2.53 7.37
C LYS A 11 1.53 -2.87 6.08
N ASN A 12 1.61 -4.15 5.76
CA ASN A 12 2.29 -4.60 4.55
C ASN A 12 1.38 -4.46 3.34
N VAL A 13 0.08 -4.62 3.55
CA VAL A 13 -0.89 -4.51 2.48
C VAL A 13 -0.92 -3.09 1.92
N GLY A 14 -1.03 -2.10 2.81
CA GLY A 14 -1.08 -0.72 2.38
C GLY A 14 0.25 -0.25 1.80
N THR A 15 1.32 -0.40 2.58
CA THR A 15 2.65 0.01 2.14
C THR A 15 2.97 -0.56 0.77
N ALA A 16 2.43 -1.73 0.47
CA ALA A 16 2.66 -2.38 -0.82
C ALA A 16 1.83 -1.72 -1.92
N ILE A 17 0.62 -1.29 -1.57
CA ILE A 17 -0.26 -0.64 -2.53
C ILE A 17 0.16 0.80 -2.77
N ILE A 18 0.74 1.43 -1.76
CA ILE A 18 1.19 2.81 -1.86
C ILE A 18 2.53 2.90 -2.58
N LYS A 19 3.36 1.88 -2.40
CA LYS A 19 4.68 1.84 -3.02
C LYS A 19 4.57 1.38 -4.47
N ASN A 20 3.54 0.59 -4.77
CA ASN A 20 3.33 0.08 -6.12
C ASN A 20 2.71 1.16 -7.01
N ALA A 21 1.98 2.07 -6.39
CA ALA A 21 1.33 3.16 -7.14
C ALA A 21 2.23 4.39 -7.19
N LYS A 22 2.86 4.71 -6.06
CA LYS A 22 3.74 5.87 -5.98
C LYS A 22 4.80 5.82 -7.08
N VAL A 23 5.08 4.61 -7.58
CA VAL A 23 6.07 4.44 -8.64
C VAL A 23 5.81 5.39 -9.80
N CYS A 24 6.87 6.04 -10.27
CA CYS A 24 6.77 6.99 -11.38
C CYS A 24 6.74 6.25 -12.71
N VAL A 25 7.63 5.27 -12.86
CA VAL A 25 7.71 4.49 -14.09
C VAL A 25 7.15 3.09 -13.89
N TYR A 26 7.15 2.30 -14.95
CA TYR A 26 6.64 0.93 -14.89
C TYR A 26 7.17 0.20 -13.67
N ALA A 27 8.50 0.12 -13.56
CA ALA A 27 9.14 -0.54 -12.44
C ALA A 27 8.87 0.20 -11.14
N VAL A 28 9.78 1.10 -10.78
CA VAL A 28 9.64 1.88 -9.55
C VAL A 28 10.36 3.22 -9.67
N CYS A 29 9.90 4.04 -10.61
CA CYS A 29 10.50 5.36 -10.83
C CYS A 29 11.88 5.23 -11.47
N VAL A 30 12.28 4.00 -11.75
CA VAL A 30 13.57 3.74 -12.38
C VAL A 30 13.54 2.47 -13.23
N SER A 31 14.18 2.54 -14.39
CA SER A 31 14.21 1.40 -15.30
C SER A 31 15.65 0.95 -15.56
N HIS A 32 15.92 -0.33 -15.30
CA HIS A 32 17.25 -0.88 -15.50
C HIS A 32 17.71 -0.68 -16.93
N LYS A 33 16.77 -0.67 -17.86
CA LYS A 33 17.09 -0.49 -19.28
C LYS A 33 17.79 0.85 -19.50
N GLY A 1 -4.75 -15.53 16.51
CA GLY A 1 -4.09 -14.29 16.17
C GLY A 1 -5.05 -13.19 15.79
N PHE A 2 -5.17 -12.94 14.48
CA PHE A 2 -6.07 -11.91 13.98
C PHE A 2 -5.62 -10.52 14.43
N TRP A 3 -5.75 -10.25 15.72
CA TRP A 3 -5.35 -8.96 16.27
C TRP A 3 -3.90 -8.64 15.92
N SER A 4 -3.12 -9.68 15.63
CA SER A 4 -1.72 -9.50 15.28
C SER A 4 -1.54 -9.41 13.78
N SER A 5 -2.37 -10.14 13.05
CA SER A 5 -2.31 -10.15 11.59
C SER A 5 -3.01 -8.92 11.01
N VAL A 6 -3.76 -8.23 11.85
CA VAL A 6 -4.49 -7.03 11.42
C VAL A 6 -3.55 -5.83 11.33
N TRP A 7 -2.62 -5.73 12.28
CA TRP A 7 -1.67 -4.63 12.30
C TRP A 7 -0.48 -4.92 11.38
N ASP A 8 -0.04 -6.17 11.38
CA ASP A 8 1.09 -6.57 10.55
C ASP A 8 0.66 -6.75 9.09
N GLY A 9 -0.49 -7.38 8.90
CA GLY A 9 -1.00 -7.62 7.56
C GLY A 9 -1.37 -6.32 6.86
N ALA A 10 -2.15 -5.49 7.53
CA ALA A 10 -2.58 -4.21 6.96
C ALA A 10 -1.39 -3.30 6.70
N LYS A 11 -0.50 -3.20 7.68
CA LYS A 11 0.69 -2.36 7.57
C LYS A 11 1.45 -2.66 6.28
N ASN A 12 1.60 -3.96 5.98
CA ASN A 12 2.30 -4.38 4.77
C ASN A 12 1.40 -4.27 3.55
N VAL A 13 0.10 -4.50 3.75
CA VAL A 13 -0.87 -4.42 2.67
C VAL A 13 -0.96 -3.01 2.11
N GLY A 14 -1.23 -2.05 2.99
CA GLY A 14 -1.34 -0.67 2.56
C GLY A 14 -0.04 -0.13 1.99
N THR A 15 1.03 -0.21 2.78
CA THR A 15 2.34 0.28 2.35
C THR A 15 2.68 -0.24 0.96
N ALA A 16 2.24 -1.46 0.66
CA ALA A 16 2.50 -2.07 -0.64
C ALA A 16 1.77 -1.33 -1.76
N ILE A 17 0.50 -1.03 -1.53
CA ILE A 17 -0.31 -0.31 -2.52
C ILE A 17 0.39 0.96 -2.98
N ILE A 18 1.00 1.68 -2.03
CA ILE A 18 1.70 2.91 -2.34
C ILE A 18 3.00 2.63 -3.09
N LYS A 19 3.62 1.50 -2.77
CA LYS A 19 4.87 1.10 -3.42
C LYS A 19 4.63 0.65 -4.85
N ASN A 20 3.44 0.11 -5.10
CA ASN A 20 3.08 -0.37 -6.44
C ASN A 20 2.51 0.77 -7.28
N ALA A 21 1.89 1.74 -6.61
CA ALA A 21 1.31 2.88 -7.31
C ALA A 21 2.34 3.98 -7.53
N LYS A 22 3.25 4.14 -6.58
CA LYS A 22 4.30 5.16 -6.68
C LYS A 22 5.08 4.99 -7.98
N VAL A 23 5.04 3.79 -8.55
CA VAL A 23 5.75 3.50 -9.79
C VAL A 23 5.44 4.55 -10.85
N CYS A 24 6.48 5.07 -11.49
CA CYS A 24 6.32 6.08 -12.53
C CYS A 24 5.96 5.43 -13.86
N VAL A 25 6.61 4.30 -14.17
CA VAL A 25 6.36 3.59 -15.41
C VAL A 25 5.62 2.29 -15.15
N TYR A 26 5.52 1.45 -16.18
CA TYR A 26 4.83 0.17 -16.07
C TYR A 26 5.43 -0.67 -14.94
N ALA A 27 6.75 -0.73 -14.91
CA ALA A 27 7.45 -1.51 -13.89
C ALA A 27 7.55 -0.72 -12.58
N VAL A 28 8.67 -0.04 -12.38
CA VAL A 28 8.89 0.75 -11.18
C VAL A 28 9.84 1.92 -11.45
N CYS A 29 9.29 3.01 -11.96
CA CYS A 29 10.08 4.19 -12.27
C CYS A 29 11.23 3.85 -13.22
N VAL A 30 11.08 2.75 -13.94
CA VAL A 30 12.10 2.31 -14.89
C VAL A 30 11.47 1.56 -16.06
N SER A 31 12.32 0.95 -16.88
CA SER A 31 11.86 0.20 -18.04
C SER A 31 12.60 -1.13 -18.16
N HIS A 32 11.84 -2.22 -18.21
CA HIS A 32 12.42 -3.55 -18.33
C HIS A 32 13.28 -3.66 -19.58
N LYS A 33 12.88 -2.93 -20.63
CA LYS A 33 13.62 -2.95 -21.89
C LYS A 33 15.08 -2.57 -21.68
N GLY A 1 -2.01 -14.82 15.30
CA GLY A 1 -3.19 -14.21 15.88
C GLY A 1 -3.84 -13.19 14.97
N PHE A 2 -5.16 -13.08 15.06
CA PHE A 2 -5.91 -12.14 14.24
C PHE A 2 -5.58 -10.71 14.61
N TRP A 3 -5.74 -10.38 15.89
CA TRP A 3 -5.46 -9.04 16.37
C TRP A 3 -4.05 -8.60 16.01
N SER A 4 -3.19 -9.58 15.72
CA SER A 4 -1.80 -9.31 15.36
C SER A 4 -1.65 -9.27 13.84
N SER A 5 -2.40 -10.10 13.14
CA SER A 5 -2.35 -10.16 11.69
C SER A 5 -3.02 -8.94 11.07
N VAL A 6 -3.82 -8.24 11.88
CA VAL A 6 -4.52 -7.05 11.41
C VAL A 6 -3.58 -5.86 11.30
N TRP A 7 -2.66 -5.74 12.25
CA TRP A 7 -1.71 -4.65 12.26
C TRP A 7 -0.52 -4.95 11.35
N ASP A 8 -0.11 -6.21 11.34
CA ASP A 8 1.02 -6.64 10.51
C ASP A 8 0.59 -6.78 9.05
N GLY A 9 -0.55 -7.42 8.84
CA GLY A 9 -1.05 -7.63 7.49
C GLY A 9 -1.40 -6.32 6.80
N ALA A 10 -2.19 -5.49 7.49
CA ALA A 10 -2.60 -4.20 6.94
C ALA A 10 -1.40 -3.30 6.70
N LYS A 11 -0.50 -3.22 7.67
CA LYS A 11 0.70 -2.40 7.56
C LYS A 11 1.44 -2.70 6.26
N ASN A 12 1.56 -3.98 5.94
CA ASN A 12 2.26 -4.40 4.73
C ASN A 12 1.34 -4.27 3.51
N VAL A 13 0.04 -4.47 3.72
CA VAL A 13 -0.93 -4.37 2.65
C VAL A 13 -1.01 -2.95 2.10
N GLY A 14 -1.07 -1.98 3.00
CA GLY A 14 -1.15 -0.59 2.59
C GLY A 14 0.15 -0.09 1.98
N THR A 15 1.24 -0.22 2.74
CA THR A 15 2.55 0.22 2.26
C THR A 15 2.85 -0.33 0.88
N ALA A 16 2.35 -1.53 0.59
CA ALA A 16 2.56 -2.16 -0.70
C ALA A 16 1.78 -1.43 -1.80
N ILE A 17 0.51 -1.18 -1.54
CA ILE A 17 -0.34 -0.49 -2.51
C ILE A 17 0.31 0.80 -2.99
N ILE A 18 0.96 1.51 -2.08
CA ILE A 18 1.62 2.76 -2.41
C ILE A 18 2.94 2.50 -3.14
N LYS A 19 3.61 1.42 -2.78
CA LYS A 19 4.87 1.06 -3.40
C LYS A 19 4.71 0.89 -4.91
N ASN A 20 3.54 0.44 -5.33
CA ASN A 20 3.25 0.25 -6.75
C ASN A 20 2.45 1.42 -7.30
N ALA A 21 1.57 1.97 -6.47
CA ALA A 21 0.73 3.09 -6.88
C ALA A 21 1.32 4.42 -6.41
N LYS A 22 2.65 4.46 -6.28
CA LYS A 22 3.34 5.67 -5.84
C LYS A 22 2.88 6.88 -6.65
N VAL A 23 2.47 6.63 -7.88
CA VAL A 23 2.01 7.71 -8.76
C VAL A 23 0.84 8.46 -8.14
N CYS A 24 0.29 9.42 -8.88
CA CYS A 24 -0.83 10.21 -8.41
C CYS A 24 -2.15 9.46 -8.60
N VAL A 25 -2.39 9.01 -9.83
CA VAL A 25 -3.61 8.27 -10.14
C VAL A 25 -3.34 6.78 -10.25
N TYR A 26 -4.34 6.03 -10.71
CA TYR A 26 -4.20 4.59 -10.87
C TYR A 26 -3.07 4.25 -11.83
N ALA A 27 -3.10 4.86 -13.01
CA ALA A 27 -2.08 4.63 -14.02
C ALA A 27 -0.75 5.25 -13.61
N VAL A 28 -0.49 6.46 -14.09
CA VAL A 28 0.74 7.17 -13.76
C VAL A 28 0.55 8.68 -13.84
N CYS A 29 -0.02 9.25 -12.77
CA CYS A 29 -0.26 10.69 -12.72
C CYS A 29 -1.12 11.14 -13.89
N VAL A 30 -1.83 10.19 -14.50
CA VAL A 30 -2.69 10.49 -15.63
C VAL A 30 -3.86 9.52 -15.70
N SER A 31 -4.75 9.74 -16.67
CA SER A 31 -5.91 8.89 -16.85
C SER A 31 -5.90 8.24 -18.23
N HIS A 32 -5.73 6.93 -18.27
CA HIS A 32 -5.71 6.20 -19.53
C HIS A 32 -7.01 6.38 -20.30
N LYS A 33 -8.11 6.54 -19.56
CA LYS A 33 -9.42 6.73 -20.16
C LYS A 33 -9.54 8.13 -20.77
N GLY A 1 -2.57 -15.04 15.25
CA GLY A 1 -3.70 -14.29 15.79
C GLY A 1 -4.18 -13.22 14.84
N PHE A 2 -5.48 -12.92 14.90
CA PHE A 2 -6.06 -11.89 14.03
C PHE A 2 -5.62 -10.50 14.46
N TRP A 3 -5.83 -10.20 15.74
CA TRP A 3 -5.45 -8.89 16.29
C TRP A 3 -4.01 -8.55 15.93
N SER A 4 -3.21 -9.57 15.66
CA SER A 4 -1.81 -9.39 15.31
C SER A 4 -1.64 -9.27 13.80
N SER A 5 -2.33 -10.14 13.07
CA SER A 5 -2.25 -10.15 11.61
C SER A 5 -2.95 -8.92 11.03
N VAL A 6 -3.71 -8.23 11.86
CA VAL A 6 -4.44 -7.05 11.43
C VAL A 6 -3.50 -5.84 11.33
N TRP A 7 -2.57 -5.74 12.26
CA TRP A 7 -1.61 -4.64 12.27
C TRP A 7 -0.43 -4.94 11.36
N ASP A 8 0.01 -6.19 11.36
CA ASP A 8 1.14 -6.60 10.52
C ASP A 8 0.69 -6.79 9.08
N GLY A 9 -0.46 -7.42 8.89
CA GLY A 9 -0.97 -7.65 7.55
C GLY A 9 -1.33 -6.37 6.84
N ALA A 10 -2.12 -5.52 7.51
CA ALA A 10 -2.54 -4.26 6.94
C ALA A 10 -1.35 -3.35 6.66
N LYS A 11 -0.46 -3.24 7.65
CA LYS A 11 0.72 -2.41 7.52
C LYS A 11 1.47 -2.72 6.23
N ASN A 12 1.63 -4.01 5.94
CA ASN A 12 2.33 -4.44 4.74
C ASN A 12 1.42 -4.35 3.51
N VAL A 13 0.13 -4.56 3.73
CA VAL A 13 -0.85 -4.49 2.64
C VAL A 13 -0.94 -3.08 2.08
N GLY A 14 -1.26 -2.13 2.95
CA GLY A 14 -1.38 -0.74 2.53
C GLY A 14 -0.09 -0.19 1.96
N THR A 15 0.98 -0.30 2.73
CA THR A 15 2.29 0.19 2.30
C THR A 15 2.66 -0.35 0.93
N ALA A 16 2.21 -1.56 0.64
CA ALA A 16 2.49 -2.19 -0.65
C ALA A 16 1.79 -1.46 -1.78
N ILE A 17 0.53 -1.12 -1.57
CA ILE A 17 -0.25 -0.40 -2.58
C ILE A 17 0.40 0.92 -2.94
N ILE A 18 1.00 1.57 -1.96
CA ILE A 18 1.67 2.85 -2.17
C ILE A 18 2.96 2.67 -2.97
N LYS A 19 3.65 1.56 -2.73
CA LYS A 19 4.89 1.27 -3.44
C LYS A 19 4.62 0.94 -4.91
N ASN A 20 3.46 0.34 -5.17
CA ASN A 20 3.08 -0.03 -6.54
C ASN A 20 2.44 1.16 -7.25
N ALA A 21 1.74 2.00 -6.50
CA ALA A 21 1.08 3.16 -7.06
C ALA A 21 0.65 4.13 -5.96
N LYS A 22 1.60 4.88 -5.43
CA LYS A 22 1.32 5.84 -4.37
C LYS A 22 0.34 6.91 -4.85
N VAL A 23 -0.95 6.66 -4.63
CA VAL A 23 -1.99 7.60 -5.05
C VAL A 23 -1.78 8.97 -4.41
N CYS A 24 -2.69 9.88 -4.68
CA CYS A 24 -2.61 11.24 -4.14
C CYS A 24 -3.10 11.28 -2.70
N VAL A 25 -4.28 10.72 -2.46
CA VAL A 25 -4.86 10.70 -1.13
C VAL A 25 -4.74 9.30 -0.51
N TYR A 26 -5.39 9.12 0.64
CA TYR A 26 -5.36 7.84 1.33
C TYR A 26 -6.14 6.78 0.57
N ALA A 27 -7.22 7.21 -0.09
CA ALA A 27 -8.05 6.30 -0.86
C ALA A 27 -7.38 5.91 -2.17
N VAL A 28 -7.68 6.65 -3.23
CA VAL A 28 -7.09 6.38 -4.54
C VAL A 28 -7.02 7.65 -5.38
N CYS A 29 -6.40 8.68 -4.82
CA CYS A 29 -6.25 9.96 -5.52
C CYS A 29 -7.59 10.70 -5.56
N VAL A 30 -8.62 10.10 -4.98
CA VAL A 30 -9.94 10.71 -4.96
C VAL A 30 -10.72 10.28 -3.72
N SER A 31 -11.31 11.24 -3.03
CA SER A 31 -12.09 10.96 -1.83
C SER A 31 -13.59 10.94 -2.13
N HIS A 32 -14.16 9.74 -2.13
CA HIS A 32 -15.59 9.58 -2.41
C HIS A 32 -16.43 10.25 -1.33
N LYS A 33 -16.82 11.50 -1.57
CA LYS A 33 -17.63 12.25 -0.62
C LYS A 33 -19.02 12.52 -1.19
#